data_5IKI
#
_entry.id   5IKI
#
_cell.length_a   48.910
_cell.length_b   57.390
_cell.length_c   84.240
_cell.angle_alpha   72.37
_cell.angle_beta   75.19
_cell.angle_gamma   75.70
#
_symmetry.space_group_name_H-M   'P 1'
#
loop_
_entity.id
_entity.type
_entity.pdbx_description
1 polymer 'Cytochrome P450(MEG)'
2 non-polymer 'PROTOPORPHYRIN IX CONTAINING FE'
3 non-polymer 'Abietic acid'
4 water water
#
_entity_poly.entity_id   1
_entity_poly.type   'polypeptide(L)'
_entity_poly.pdbx_seq_one_letter_code
;MKEVIAVKEITRFKTRTEEFSPYAWCKRMLENDPVSYHEGTDTWNVFKYEDVKRVLSDYKHFSSVRKRTTISVGTDSEEG
SVPEKIQITESDPPDHRKRRSLLAAAFTPRSLQNWEPRIQEIADELIGQMDGGTEIDIVASLASPLPIIVMADLMGVPSK
DRLLFKKWVDTLFLPFDREKQEEVDKLKQVAAKEYYQYLYPIVVQKRLNPADDIISDLLKSEVDGEMFTDDEVVRTTMLI
LGAGVETTSHLLANSFYSLLYDDKEVYQELHENLDLVPQAVEEMLRFRFNLIKLDRTVKEDNDLLGVELKEGDSVVVWMS
AANMDEEMFEDPFTLNIHRPNNKKHLTFGNGPHFCLGAPLARLEAKIALTAFLKKFKHIEAVPSFQLEENLTDSATGQTL
TSLPLKASRM
;
_entity_poly.pdbx_strand_id   A,B
#
# COMPACT_ATOMS: atom_id res chain seq x y z
N VAL A 4 -3.38 18.06 -2.90
CA VAL A 4 -3.58 16.99 -1.89
C VAL A 4 -4.92 16.30 -2.11
N ILE A 5 -4.93 15.01 -1.80
CA ILE A 5 -6.17 14.22 -1.81
C ILE A 5 -7.13 14.78 -0.76
N ALA A 6 -8.36 15.08 -1.17
CA ALA A 6 -9.38 15.61 -0.25
C ALA A 6 -10.13 14.47 0.38
N VAL A 7 -10.40 14.61 1.68
CA VAL A 7 -11.16 13.60 2.44
C VAL A 7 -12.45 13.23 1.70
N LYS A 8 -13.26 14.24 1.43
CA LYS A 8 -14.64 14.04 0.97
C LYS A 8 -14.80 13.13 -0.24
N GLU A 9 -13.81 13.17 -1.12
CA GLU A 9 -13.85 12.34 -2.32
C GLU A 9 -13.85 10.85 -1.96
N ILE A 10 -13.03 10.47 -0.98
CA ILE A 10 -12.95 9.10 -0.49
C ILE A 10 -14.14 8.73 0.37
N THR A 11 -14.60 9.67 1.19
CA THR A 11 -15.69 9.41 2.15
C THR A 11 -17.13 9.53 1.61
N ARG A 12 -17.40 10.49 0.71
CA ARG A 12 -18.78 10.68 0.17
C ARG A 12 -19.82 10.80 1.29
N PHE A 13 -19.49 11.63 2.27
CA PHE A 13 -20.37 11.85 3.41
C PHE A 13 -21.45 12.86 3.06
N LYS A 14 -22.71 12.51 3.35
CA LYS A 14 -23.84 13.42 3.10
C LYS A 14 -23.79 14.64 3.99
N THR A 15 -23.54 14.40 5.28
CA THR A 15 -23.49 15.44 6.30
C THR A 15 -22.08 15.76 6.81
N ARG A 16 -21.92 16.97 7.32
CA ARG A 16 -20.71 17.37 8.03
C ARG A 16 -20.58 16.60 9.34
N THR A 17 -21.73 16.35 9.98
CA THR A 17 -21.77 15.68 11.30
C THR A 17 -21.16 14.30 11.20
N GLU A 18 -21.40 13.62 10.09
CA GLU A 18 -20.91 12.26 9.93
C GLU A 18 -19.40 12.24 9.75
N GLU A 19 -18.87 13.25 9.07
CA GLU A 19 -17.40 13.43 8.96
C GLU A 19 -16.74 13.80 10.32
N PHE A 20 -17.53 14.42 11.19
CA PHE A 20 -17.06 14.83 12.51
C PHE A 20 -17.08 13.67 13.51
N SER A 21 -18.10 12.82 13.36
CA SER A 21 -18.28 11.63 14.17
C SER A 21 -18.49 10.45 13.25
N PRO A 22 -17.42 9.95 12.61
CA PRO A 22 -17.49 8.92 11.58
C PRO A 22 -17.39 7.50 12.10
N TYR A 23 -17.79 7.31 13.34
CA TYR A 23 -17.62 6.01 14.02
C TYR A 23 -18.22 4.86 13.17
N ALA A 24 -19.36 5.10 12.54
CA ALA A 24 -20.06 4.07 11.74
C ALA A 24 -19.18 3.58 10.57
N TRP A 25 -18.76 4.55 9.76
CA TRP A 25 -17.89 4.34 8.61
C TRP A 25 -16.58 3.66 8.97
N CYS A 26 -15.88 4.18 9.98
CA CYS A 26 -14.62 3.57 10.44
C CYS A 26 -14.77 2.08 10.81
N LYS A 27 -15.81 1.76 11.55
CA LYS A 27 -16.13 0.35 11.90
C LYS A 27 -16.31 -0.54 10.68
N ARG A 28 -17.00 0.01 9.70
CA ARG A 28 -17.33 -0.69 8.47
C ARG A 28 -16.06 -0.92 7.67
N MET A 29 -15.25 0.12 7.52
CA MET A 29 -14.00 0.02 6.78
C MET A 29 -13.04 -0.95 7.46
N LEU A 30 -12.90 -0.81 8.76
CA LEU A 30 -12.04 -1.71 9.56
C LEU A 30 -12.44 -3.18 9.43
N GLU A 31 -13.73 -3.44 9.34
CA GLU A 31 -14.22 -4.82 9.31
C GLU A 31 -14.44 -5.43 7.91
N ASN A 32 -14.79 -4.60 6.95
CA ASN A 32 -15.13 -5.07 5.63
C ASN A 32 -14.04 -4.85 4.60
N ASP A 33 -13.32 -3.75 4.73
CA ASP A 33 -12.43 -3.31 3.67
C ASP A 33 -11.18 -2.59 4.21
N PRO A 34 -10.45 -3.25 5.11
CA PRO A 34 -9.31 -2.61 5.83
C PRO A 34 -8.19 -2.06 4.95
N VAL A 35 -7.95 -2.71 3.82
CA VAL A 35 -7.01 -2.23 2.81
C VAL A 35 -7.82 -2.09 1.53
N SER A 36 -8.12 -0.86 1.17
CA SER A 36 -9.28 -0.54 0.35
C SER A 36 -8.91 0.36 -0.81
N TYR A 37 -9.00 -0.16 -2.03
CA TYR A 37 -8.72 0.69 -3.21
C TYR A 37 -9.89 1.59 -3.53
N HIS A 38 -9.57 2.85 -3.82
CA HIS A 38 -10.58 3.81 -4.17
C HIS A 38 -10.25 4.39 -5.54
N GLU A 39 -11.05 3.95 -6.51
CA GLU A 39 -10.82 4.24 -7.89
C GLU A 39 -10.88 5.75 -8.12
N GLY A 40 -11.95 6.38 -7.65
CA GLY A 40 -12.13 7.82 -7.85
C GLY A 40 -10.86 8.65 -7.69
N THR A 41 -10.11 8.38 -6.62
CA THR A 41 -8.87 9.12 -6.33
C THR A 41 -7.62 8.32 -6.66
N ASP A 42 -7.83 7.09 -7.10
CA ASP A 42 -6.73 6.18 -7.40
C ASP A 42 -5.86 6.12 -6.15
N THR A 43 -6.48 5.66 -5.09
CA THR A 43 -5.85 5.70 -3.79
C THR A 43 -6.09 4.38 -3.05
N TRP A 44 -5.03 3.85 -2.44
CA TRP A 44 -5.14 2.72 -1.52
C TRP A 44 -5.21 3.23 -0.07
N ASN A 45 -6.23 2.77 0.65
CA ASN A 45 -6.64 3.38 1.89
C ASN A 45 -6.49 2.37 2.99
N VAL A 46 -5.73 2.77 4.01
CA VAL A 46 -5.31 1.85 5.10
C VAL A 46 -5.95 2.27 6.41
N PHE A 47 -6.52 1.27 7.10
CA PHE A 47 -7.37 1.49 8.25
C PHE A 47 -6.89 0.80 9.53
N LYS A 48 -6.34 -0.39 9.44
CA LYS A 48 -5.99 -1.13 10.67
C LYS A 48 -4.75 -0.57 11.36
N TYR A 49 -4.82 -0.42 12.70
CA TYR A 49 -3.67 0.01 13.53
C TYR A 49 -2.33 -0.55 13.07
N GLU A 50 -2.21 -1.87 13.05
CA GLU A 50 -0.93 -2.49 12.70
C GLU A 50 -0.45 -2.06 11.33
N ASP A 51 -1.34 -1.89 10.37
CA ASP A 51 -0.94 -1.53 9.01
C ASP A 51 -0.53 -0.07 8.93
N VAL A 52 -1.36 0.77 9.52
CA VAL A 52 -1.09 2.20 9.50
C VAL A 52 0.29 2.41 10.12
N LYS A 53 0.49 1.78 11.27
CA LYS A 53 1.70 1.94 12.09
C LYS A 53 2.89 1.60 11.21
N ARG A 54 2.77 0.47 10.54
CA ARG A 54 3.85 -0.02 9.69
C ARG A 54 4.03 0.77 8.39
N VAL A 55 2.98 1.24 7.75
CA VAL A 55 3.19 2.14 6.61
C VAL A 55 4.00 3.36 7.06
N LEU A 56 3.56 3.99 8.15
CA LEU A 56 4.20 5.23 8.61
C LEU A 56 5.65 5.00 9.01
N SER A 57 5.96 3.85 9.60
CA SER A 57 7.36 3.54 10.02
C SER A 57 8.25 3.17 8.86
N ASP A 58 7.68 2.53 7.85
CA ASP A 58 8.41 2.00 6.72
C ASP A 58 8.58 3.02 5.58
N TYR A 59 9.31 4.07 5.89
CA TYR A 59 9.65 5.12 4.94
C TYR A 59 10.43 4.65 3.71
N LYS A 60 11.19 3.58 3.86
CA LYS A 60 11.96 2.95 2.76
C LYS A 60 11.02 2.66 1.60
N HIS A 61 9.93 2.03 1.95
CA HIS A 61 8.90 1.61 1.02
C HIS A 61 7.77 2.64 0.83
N PHE A 62 7.42 3.38 1.90
CA PHE A 62 6.39 4.41 1.80
C PHE A 62 6.91 5.81 2.10
N SER A 63 7.29 6.47 1.02
CA SER A 63 7.98 7.73 1.08
C SER A 63 7.06 8.90 1.24
N SER A 64 7.60 9.93 1.85
CA SER A 64 6.87 11.15 2.16
C SER A 64 7.24 12.21 1.14
N VAL A 65 8.07 11.87 0.16
CA VAL A 65 8.44 12.88 -0.86
C VAL A 65 7.27 12.98 -1.82
N ARG A 66 6.83 14.22 -2.05
CA ARG A 66 5.56 14.53 -2.73
C ARG A 66 5.62 14.10 -4.20
N LYS A 67 4.45 13.79 -4.77
CA LYS A 67 4.34 13.38 -6.19
C LYS A 67 3.67 14.47 -7.05
N SER A 81 9.49 26.65 -4.10
CA SER A 81 8.50 27.44 -3.32
C SER A 81 8.70 27.19 -1.83
N VAL A 82 9.76 26.52 -1.43
CA VAL A 82 10.08 26.34 -0.02
C VAL A 82 11.48 25.79 0.04
N PRO A 83 12.39 26.53 0.65
CA PRO A 83 13.77 26.09 0.69
C PRO A 83 13.89 24.71 1.32
N GLU A 84 14.36 23.72 0.56
CA GLU A 84 14.31 22.36 1.09
C GLU A 84 15.04 22.16 2.46
N LYS A 85 15.88 23.09 2.92
CA LYS A 85 16.39 22.96 4.30
C LYS A 85 15.27 22.90 5.34
N ILE A 86 14.11 23.48 5.03
CA ILE A 86 13.00 23.57 5.99
C ILE A 86 11.79 22.76 5.56
N GLN A 87 11.99 21.97 4.51
CA GLN A 87 10.99 21.04 4.02
C GLN A 87 11.09 19.67 4.76
N ILE A 88 10.83 19.71 6.07
CA ILE A 88 10.93 18.53 6.96
C ILE A 88 9.94 17.42 6.60
N THR A 89 8.67 17.79 6.52
CA THR A 89 7.56 16.83 6.32
C THR A 89 7.63 16.08 5.02
N GLU A 90 8.15 16.75 3.98
CA GLU A 90 8.14 16.21 2.62
C GLU A 90 9.56 15.82 2.24
N SER A 91 10.15 15.00 3.13
CA SER A 91 11.52 14.56 3.00
C SER A 91 11.68 13.19 3.61
N ASP A 92 12.56 12.39 3.01
CA ASP A 92 12.88 11.05 3.52
C ASP A 92 14.30 11.07 4.07
N PRO A 93 14.73 9.98 4.72
CA PRO A 93 16.14 9.81 5.04
C PRO A 93 17.04 9.77 3.79
N PRO A 94 18.27 10.25 3.90
CA PRO A 94 18.88 10.74 5.15
C PRO A 94 18.68 12.22 5.45
N ASP A 95 18.04 12.95 4.53
CA ASP A 95 17.83 14.39 4.69
C ASP A 95 16.94 14.72 5.87
N HIS A 96 15.85 13.97 5.99
CA HIS A 96 14.82 14.26 6.98
C HIS A 96 15.37 14.44 8.38
N ARG A 97 16.24 13.55 8.80
CA ARG A 97 16.76 13.54 10.14
C ARG A 97 17.46 14.86 10.51
N LYS A 98 18.18 15.42 9.55
CA LYS A 98 18.93 16.65 9.76
C LYS A 98 18.03 17.89 9.80
N ARG A 99 17.09 17.95 8.84
CA ARG A 99 16.06 19.01 8.82
C ARG A 99 15.20 19.02 10.08
N ARG A 100 14.84 17.84 10.60
CA ARG A 100 14.14 17.73 11.88
C ARG A 100 14.94 18.25 13.07
N SER A 101 16.23 17.93 13.11
CA SER A 101 17.07 18.31 14.26
C SER A 101 17.26 19.82 14.36
N LEU A 102 17.27 20.49 13.22
CA LEU A 102 17.48 21.93 13.21
C LEU A 102 16.31 22.59 13.88
N LEU A 103 15.14 22.01 13.73
CA LEU A 103 13.93 22.56 14.34
C LEU A 103 13.77 22.09 15.78
N ALA A 104 14.03 20.80 15.98
CA ALA A 104 13.89 20.17 17.29
C ALA A 104 14.67 20.92 18.39
N ALA A 105 15.70 21.67 18.01
CA ALA A 105 16.48 22.46 19.00
C ALA A 105 15.67 23.57 19.63
N ALA A 106 14.60 23.97 18.97
CA ALA A 106 13.64 24.90 19.49
C ALA A 106 12.55 24.25 20.30
N PHE A 107 12.54 22.91 20.43
CA PHE A 107 11.50 22.23 21.22
C PHE A 107 12.05 21.24 22.23
N THR A 108 13.06 21.65 22.97
CA THR A 108 13.67 20.74 23.91
C THR A 108 12.75 20.62 25.14
N PRO A 109 12.94 19.56 25.94
CA PRO A 109 12.21 19.45 27.20
C PRO A 109 12.41 20.67 28.08
N ARG A 110 13.63 21.16 28.14
CA ARG A 110 13.98 22.40 28.86
C ARG A 110 12.98 23.49 28.46
N SER A 111 12.86 23.69 27.16
CA SER A 111 11.96 24.69 26.65
C SER A 111 10.52 24.42 27.03
N LEU A 112 10.06 23.17 26.99
CA LEU A 112 8.71 22.85 27.49
C LEU A 112 8.56 23.17 28.98
N GLN A 113 9.56 22.73 29.76
CA GLN A 113 9.73 23.11 31.17
C GLN A 113 9.47 24.63 31.32
N ASN A 114 10.28 25.41 30.60
CA ASN A 114 10.25 26.86 30.72
C ASN A 114 8.91 27.43 30.31
N TRP A 115 8.30 26.83 29.29
CA TRP A 115 7.14 27.42 28.62
C TRP A 115 5.85 27.29 29.43
N GLU A 116 5.87 26.39 30.40
CA GLU A 116 4.66 26.02 31.13
C GLU A 116 4.04 27.22 31.86
N PRO A 117 4.81 27.88 32.77
CA PRO A 117 4.31 29.12 33.40
C PRO A 117 3.80 30.17 32.40
N ARG A 118 4.52 30.38 31.31
CA ARG A 118 4.05 31.35 30.31
C ARG A 118 2.69 30.91 29.80
N ILE A 119 2.57 29.61 29.53
CA ILE A 119 1.34 29.05 28.95
C ILE A 119 0.23 29.06 29.99
N GLN A 120 0.62 28.75 31.22
CA GLN A 120 -0.28 28.88 32.38
C GLN A 120 -0.99 30.25 32.41
N GLU A 121 -0.19 31.31 32.34
CA GLU A 121 -0.67 32.68 32.44
C GLU A 121 -1.64 33.01 31.33
N ILE A 122 -1.29 32.59 30.12
CA ILE A 122 -2.11 32.93 28.97
C ILE A 122 -3.50 32.30 29.13
N ALA A 123 -3.52 31.14 29.75
CA ALA A 123 -4.73 30.38 29.93
C ALA A 123 -5.61 31.10 30.96
N ASP A 124 -5.03 31.37 32.13
CA ASP A 124 -5.69 32.12 33.22
C ASP A 124 -6.35 33.40 32.71
N GLU A 125 -5.56 34.14 31.97
CA GLU A 125 -6.04 35.36 31.33
C GLU A 125 -7.35 35.08 30.58
N LEU A 126 -7.34 34.11 29.68
CA LEU A 126 -8.53 33.83 28.84
C LEU A 126 -9.74 33.24 29.59
N ILE A 127 -9.49 32.44 30.61
CA ILE A 127 -10.56 31.87 31.45
C ILE A 127 -11.19 32.99 32.29
N GLY A 128 -10.34 33.94 32.67
CA GLY A 128 -10.78 35.17 33.34
C GLY A 128 -11.90 35.89 32.62
N GLN A 129 -11.75 36.09 31.31
CA GLN A 129 -12.75 36.85 30.53
C GLN A 129 -14.07 36.11 30.30
N MET A 130 -14.16 34.85 30.77
CA MET A 130 -15.41 34.07 30.77
C MET A 130 -16.01 34.15 32.17
N ASP A 131 -17.32 34.43 32.23
CA ASP A 131 -17.98 34.61 33.53
C ASP A 131 -18.85 33.39 33.90
N GLY A 132 -19.80 33.07 33.03
CA GLY A 132 -20.79 32.02 33.29
C GLY A 132 -22.19 32.52 33.60
N GLY A 133 -22.51 33.72 33.16
CA GLY A 133 -23.88 34.18 33.12
C GLY A 133 -24.37 33.98 31.71
N THR A 134 -23.57 34.49 30.77
CA THR A 134 -23.82 34.36 29.35
C THR A 134 -23.31 33.01 28.83
N GLU A 135 -23.75 32.67 27.63
CA GLU A 135 -23.22 31.49 26.96
C GLU A 135 -21.81 31.80 26.45
N ILE A 136 -20.91 30.86 26.73
CA ILE A 136 -19.53 30.92 26.28
C ILE A 136 -19.36 30.18 24.95
N ASP A 137 -18.67 30.83 24.02
CA ASP A 137 -18.20 30.18 22.81
C ASP A 137 -16.77 29.77 23.07
N ILE A 138 -16.57 28.51 23.42
CA ILE A 138 -15.23 27.97 23.72
C ILE A 138 -14.22 28.14 22.59
N VAL A 139 -14.73 28.07 21.36
CA VAL A 139 -13.92 28.19 20.14
C VAL A 139 -13.27 29.55 20.11
N ALA A 140 -14.11 30.59 20.06
CA ALA A 140 -13.65 32.00 20.09
C ALA A 140 -12.94 32.40 21.40
N SER A 141 -13.36 31.84 22.52
CA SER A 141 -12.82 32.22 23.84
C SER A 141 -11.61 31.46 24.29
N LEU A 142 -11.35 30.32 23.68
CA LEU A 142 -10.29 29.44 24.18
C LEU A 142 -9.62 28.54 23.12
N ALA A 143 -10.43 27.87 22.29
CA ALA A 143 -9.88 26.92 21.34
C ALA A 143 -8.99 27.62 20.33
N SER A 144 -9.51 28.64 19.67
CA SER A 144 -8.66 29.43 18.75
C SER A 144 -7.60 30.34 19.40
N PRO A 145 -7.95 31.18 20.40
CA PRO A 145 -6.93 32.12 20.89
C PRO A 145 -5.73 31.51 21.56
N LEU A 146 -5.93 30.51 22.39
CA LEU A 146 -4.84 30.01 23.25
C LEU A 146 -3.55 29.63 22.47
N PRO A 147 -3.65 28.72 21.49
CA PRO A 147 -2.43 28.29 20.82
C PRO A 147 -1.75 29.45 20.03
N ILE A 148 -2.55 30.21 19.29
CA ILE A 148 -2.07 31.43 18.61
C ILE A 148 -1.27 32.33 19.56
N ILE A 149 -1.88 32.71 20.67
CA ILE A 149 -1.21 33.61 21.61
C ILE A 149 0.03 32.99 22.16
N VAL A 150 -0.03 31.69 22.36
CA VAL A 150 1.08 30.93 22.93
C VAL A 150 2.24 30.90 21.96
N MET A 151 1.91 30.70 20.70
CA MET A 151 2.93 30.74 19.72
C MET A 151 3.51 32.12 19.68
N ALA A 152 2.63 33.10 19.69
CA ALA A 152 3.04 34.49 19.58
C ALA A 152 4.04 34.83 20.67
N ASP A 153 3.65 34.58 21.90
CA ASP A 153 4.49 34.87 23.05
C ASP A 153 5.73 33.98 23.08
N LEU A 154 5.58 32.75 22.63
CA LEU A 154 6.70 31.78 22.68
C LEU A 154 7.74 32.06 21.63
N MET A 155 7.32 32.72 20.55
CA MET A 155 8.24 33.04 19.46
C MET A 155 9.07 34.26 19.79
N GLY A 156 8.39 35.26 20.35
CA GLY A 156 8.97 36.57 20.66
C GLY A 156 8.22 37.81 20.13
N VAL A 157 6.95 37.65 19.73
CA VAL A 157 6.14 38.83 19.34
C VAL A 157 5.81 39.52 20.66
N PRO A 158 5.95 40.86 20.72
CA PRO A 158 5.49 41.52 21.95
C PRO A 158 3.97 41.51 22.15
N SER A 159 3.60 41.64 23.42
CA SER A 159 2.20 41.60 23.85
C SER A 159 1.21 42.47 23.03
N LYS A 160 1.61 43.71 22.73
CA LYS A 160 0.68 44.65 22.07
C LYS A 160 0.32 44.26 20.63
N ASP A 161 1.23 43.55 19.97
CA ASP A 161 1.06 43.27 18.55
C ASP A 161 0.30 41.97 18.31
N ARG A 162 -0.18 41.37 19.40
CA ARG A 162 -0.90 40.09 19.39
C ARG A 162 -2.07 40.05 18.42
N LEU A 163 -2.86 41.12 18.41
CA LEU A 163 -4.11 41.16 17.64
C LEU A 163 -3.80 41.13 16.13
N LEU A 164 -2.70 41.77 15.80
CA LEU A 164 -2.19 41.85 14.44
C LEU A 164 -1.70 40.47 14.02
N PHE A 165 -1.02 39.81 14.95
CA PHE A 165 -0.58 38.43 14.75
C PHE A 165 -1.76 37.47 14.50
N LYS A 166 -2.77 37.55 15.37
CA LYS A 166 -3.93 36.70 15.20
C LYS A 166 -4.45 36.90 13.79
N LYS A 167 -4.52 38.16 13.39
CA LYS A 167 -5.13 38.54 12.12
C LYS A 167 -4.43 37.84 10.95
N TRP A 168 -3.10 37.91 10.92
CA TRP A 168 -2.35 37.20 9.87
C TRP A 168 -2.53 35.68 9.94
N VAL A 169 -2.51 35.19 11.18
CA VAL A 169 -2.71 33.76 11.48
C VAL A 169 -4.05 33.21 10.99
N ASP A 170 -5.14 33.85 11.42
CA ASP A 170 -6.49 33.44 11.03
C ASP A 170 -6.58 33.39 9.50
N THR A 171 -6.02 34.42 8.87
CA THR A 171 -6.03 34.55 7.41
C THR A 171 -5.23 33.45 6.72
N LEU A 172 -4.07 33.13 7.29
CA LEU A 172 -3.16 32.20 6.67
C LEU A 172 -3.46 30.74 7.01
N PHE A 173 -3.95 30.45 8.22
CA PHE A 173 -4.02 29.04 8.74
C PHE A 173 -5.38 28.51 9.26
N LEU A 174 -6.43 29.30 9.05
CA LEU A 174 -7.81 28.89 9.27
C LEU A 174 -8.50 29.04 7.91
N PRO A 175 -9.13 27.97 7.40
CA PRO A 175 -9.61 27.95 6.00
C PRO A 175 -10.85 28.80 5.73
N LYS A 186 -5.17 35.71 -2.18
CA LYS A 186 -4.96 37.15 -2.29
C LYS A 186 -5.07 37.90 -0.94
N LEU A 187 -6.02 37.53 -0.09
CA LEU A 187 -6.01 37.98 1.32
C LEU A 187 -4.76 37.46 2.05
N LYS A 188 -4.28 36.30 1.62
CA LYS A 188 -3.14 35.60 2.22
C LYS A 188 -1.79 36.16 1.75
N GLN A 189 -1.71 36.38 0.44
CA GLN A 189 -0.62 37.12 -0.19
C GLN A 189 -0.25 38.33 0.67
N VAL A 190 -1.26 39.08 1.06
CA VAL A 190 -1.08 40.30 1.87
C VAL A 190 -0.59 39.92 3.23
N ALA A 191 -1.29 38.98 3.85
CA ALA A 191 -0.98 38.58 5.21
C ALA A 191 0.47 38.09 5.34
N ALA A 192 0.83 37.18 4.45
CA ALA A 192 2.19 36.64 4.38
C ALA A 192 3.20 37.77 4.43
N LYS A 193 3.05 38.73 3.54
CA LYS A 193 4.05 39.78 3.39
C LYS A 193 4.15 40.63 4.67
N GLU A 194 3.02 41.04 5.22
CA GLU A 194 3.02 41.83 6.45
C GLU A 194 3.70 41.01 7.52
N TYR A 195 3.25 39.76 7.64
CA TYR A 195 3.85 38.78 8.57
C TYR A 195 5.36 38.71 8.40
N TYR A 196 5.75 38.45 7.18
CA TYR A 196 7.17 38.36 6.84
C TYR A 196 7.97 39.61 7.29
N GLN A 197 7.49 40.80 6.94
CA GLN A 197 8.24 42.04 7.22
C GLN A 197 8.09 42.53 8.65
N TYR A 198 7.04 42.06 9.31
CA TYR A 198 6.93 42.23 10.75
C TYR A 198 7.99 41.40 11.48
N LEU A 199 8.19 40.18 10.98
CA LEU A 199 8.96 39.16 11.68
C LEU A 199 10.44 39.19 11.31
N TYR A 200 10.75 39.43 10.05
CA TYR A 200 12.16 39.44 9.62
C TYR A 200 12.99 40.35 10.51
N PRO A 201 12.56 41.60 10.77
CA PRO A 201 13.36 42.50 11.61
C PRO A 201 13.68 41.88 12.94
N ILE A 202 12.66 41.33 13.57
CA ILE A 202 12.76 40.70 14.88
C ILE A 202 13.78 39.53 14.84
N VAL A 203 13.69 38.73 13.79
CA VAL A 203 14.61 37.65 13.57
C VAL A 203 16.02 38.24 13.54
N VAL A 204 16.26 39.19 12.65
CA VAL A 204 17.60 39.84 12.55
C VAL A 204 18.07 40.37 13.93
N GLN A 205 17.17 41.00 14.67
CA GLN A 205 17.47 41.54 16.00
C GLN A 205 17.94 40.48 16.95
N LYS A 206 17.22 39.35 16.95
CA LYS A 206 17.49 38.29 17.90
C LYS A 206 18.71 37.45 17.56
N ARG A 207 19.13 37.47 16.30
CA ARG A 207 20.40 36.82 15.94
C ARG A 207 21.53 37.54 16.65
N LEU A 208 21.36 38.84 16.83
CA LEU A 208 22.39 39.67 17.39
C LEU A 208 22.25 39.61 18.91
N ASN A 209 21.02 39.78 19.37
CA ASN A 209 20.71 39.76 20.80
C ASN A 209 19.72 38.65 21.10
N PRO A 210 20.26 37.43 21.31
CA PRO A 210 19.47 36.28 21.71
C PRO A 210 18.60 36.52 22.94
N ALA A 211 17.60 35.67 23.06
CA ALA A 211 16.68 35.64 24.19
C ALA A 211 16.44 34.16 24.46
N ASP A 212 15.46 33.89 25.32
CA ASP A 212 14.98 32.53 25.50
C ASP A 212 13.67 32.39 24.71
N ASP A 213 13.78 32.11 23.43
CA ASP A 213 12.59 31.86 22.64
C ASP A 213 12.87 31.06 21.40
N ILE A 214 11.83 30.79 20.62
CA ILE A 214 11.93 29.87 19.50
C ILE A 214 12.81 30.44 18.42
N ILE A 215 12.48 31.65 18.02
CA ILE A 215 13.31 32.36 17.03
C ILE A 215 14.79 32.29 17.43
N SER A 216 15.10 32.69 18.66
CA SER A 216 16.50 32.64 19.15
C SER A 216 17.05 31.23 19.11
N ASP A 217 16.27 30.27 19.62
CA ASP A 217 16.66 28.84 19.61
C ASP A 217 17.01 28.42 18.17
N LEU A 218 16.18 28.82 17.22
CA LEU A 218 16.35 28.41 15.81
C LEU A 218 17.55 29.06 15.13
N LEU A 219 17.97 30.22 15.62
CA LEU A 219 19.13 30.89 15.05
C LEU A 219 20.41 30.24 15.48
N LYS A 220 20.40 29.66 16.69
CA LYS A 220 21.57 28.95 17.25
C LYS A 220 21.66 27.47 16.82
N SER A 221 20.62 26.99 16.15
CA SER A 221 20.55 25.59 15.75
C SER A 221 21.63 25.32 14.72
N GLU A 222 22.37 24.25 14.97
CA GLU A 222 23.36 23.80 14.04
C GLU A 222 23.39 22.28 14.04
N VAL A 223 23.23 21.72 12.86
CA VAL A 223 23.33 20.29 12.71
C VAL A 223 24.20 20.04 11.50
N ASP A 224 25.23 19.21 11.71
CA ASP A 224 26.28 18.87 10.71
C ASP A 224 26.70 20.10 9.94
N GLY A 225 27.06 21.16 10.67
CA GLY A 225 27.47 22.44 10.09
C GLY A 225 26.37 23.38 9.60
N GLU A 226 25.28 22.84 9.06
CA GLU A 226 24.22 23.70 8.53
C GLU A 226 23.57 24.54 9.63
N MET A 227 23.18 25.76 9.28
CA MET A 227 22.45 26.63 10.16
C MET A 227 21.37 27.29 9.33
N PHE A 228 20.44 27.94 10.01
CA PHE A 228 19.36 28.67 9.32
C PHE A 228 19.78 30.05 8.92
N THR A 229 19.45 30.44 7.69
CA THR A 229 19.39 31.88 7.32
C THR A 229 18.15 32.55 7.92
N ASP A 230 18.19 33.87 8.04
CA ASP A 230 17.11 34.67 8.67
C ASP A 230 15.78 34.43 7.97
N ASP A 231 15.88 34.37 6.68
CA ASP A 231 14.76 34.09 5.82
C ASP A 231 14.18 32.73 6.19
N GLU A 232 15.04 31.72 6.28
CA GLU A 232 14.66 30.36 6.69
C GLU A 232 14.06 30.28 8.07
N VAL A 233 14.60 31.04 9.03
CA VAL A 233 13.94 31.17 10.33
C VAL A 233 12.54 31.76 10.23
N VAL A 234 12.39 32.83 9.47
CA VAL A 234 11.09 33.45 9.34
C VAL A 234 10.11 32.40 8.80
N ARG A 235 10.46 31.79 7.67
CA ARG A 235 9.59 30.81 6.99
C ARG A 235 9.31 29.60 7.87
N THR A 236 10.30 29.19 8.65
CA THR A 236 10.12 28.15 9.65
C THR A 236 9.02 28.50 10.63
N THR A 237 8.95 29.77 11.07
CA THR A 237 7.88 30.14 12.03
C THR A 237 6.53 29.94 11.33
N MET A 238 6.45 30.32 10.05
CA MET A 238 5.21 30.07 9.28
C MET A 238 4.81 28.62 9.14
N LEU A 239 5.80 27.74 8.99
CA LEU A 239 5.55 26.31 8.98
C LEU A 239 5.13 25.77 10.32
N ILE A 240 5.70 26.29 11.38
CA ILE A 240 5.29 25.95 12.74
C ILE A 240 3.82 26.28 12.98
N LEU A 241 3.44 27.49 12.66
CA LEU A 241 2.07 27.93 12.85
C LEU A 241 1.20 27.09 11.97
N GLY A 242 1.69 26.86 10.76
CA GLY A 242 1.02 26.00 9.80
C GLY A 242 0.73 24.67 10.45
N ALA A 243 1.64 24.19 11.28
CA ALA A 243 1.55 22.84 11.79
C ALA A 243 0.70 22.73 13.05
N GLY A 244 0.76 23.76 13.89
CA GLY A 244 0.37 23.63 15.28
C GLY A 244 -0.68 24.55 15.86
N VAL A 245 -1.46 25.21 15.02
CA VAL A 245 -2.53 26.12 15.48
C VAL A 245 -3.87 25.46 15.15
N GLU A 246 -4.15 25.26 13.86
CA GLU A 246 -5.36 24.55 13.42
C GLU A 246 -5.63 23.27 14.22
N THR A 247 -4.58 22.49 14.41
CA THR A 247 -4.65 21.16 14.98
C THR A 247 -4.90 21.21 16.51
N THR A 248 -4.15 22.03 17.22
CA THR A 248 -4.30 22.17 18.65
C THR A 248 -5.69 22.72 18.91
N SER A 249 -6.06 23.73 18.14
CA SER A 249 -7.36 24.33 18.28
C SER A 249 -8.50 23.34 18.04
N HIS A 250 -8.29 22.43 17.10
CA HIS A 250 -9.27 21.41 16.79
C HIS A 250 -9.39 20.47 18.01
N LEU A 251 -8.25 20.06 18.55
CA LEU A 251 -8.23 19.22 19.73
C LEU A 251 -9.03 19.85 20.87
N LEU A 252 -8.86 21.15 21.03
CA LEU A 252 -9.46 21.84 22.17
C LEU A 252 -10.97 21.92 22.01
N ALA A 253 -11.37 22.43 20.88
CA ALA A 253 -12.79 22.50 20.58
C ALA A 253 -13.42 21.13 20.73
N ASN A 254 -12.69 20.10 20.30
CA ASN A 254 -13.28 18.78 20.29
C ASN A 254 -13.38 18.17 21.67
N SER A 255 -12.40 18.48 22.51
CA SER A 255 -12.40 18.00 23.87
C SER A 255 -13.67 18.46 24.53
N PHE A 256 -13.97 19.74 24.35
CA PHE A 256 -15.12 20.36 25.00
C PHE A 256 -16.40 19.80 24.45
N TYR A 257 -16.45 19.58 23.13
CA TYR A 257 -17.61 18.98 22.50
C TYR A 257 -17.91 17.65 23.14
N SER A 258 -16.87 16.90 23.36
CA SER A 258 -16.97 15.58 23.95
C SER A 258 -17.50 15.65 25.39
N LEU A 259 -16.98 16.59 26.17
CA LEU A 259 -17.40 16.74 27.58
C LEU A 259 -18.86 17.19 27.72
N LEU A 260 -19.37 17.89 26.72
CA LEU A 260 -20.79 18.24 26.61
C LEU A 260 -21.71 17.15 26.09
N TYR A 261 -21.27 16.43 25.06
CA TYR A 261 -22.17 15.50 24.35
C TYR A 261 -21.90 13.98 24.47
N ASP A 262 -20.63 13.60 24.57
CA ASP A 262 -20.26 12.18 24.50
C ASP A 262 -20.59 11.52 25.80
N ASP A 263 -19.92 11.92 26.86
CA ASP A 263 -20.20 11.38 28.18
C ASP A 263 -20.10 12.49 29.21
N LYS A 264 -21.25 12.88 29.70
CA LYS A 264 -21.40 13.99 30.60
C LYS A 264 -20.82 13.76 32.01
N GLU A 265 -20.65 12.50 32.44
CA GLU A 265 -20.01 12.19 33.78
C GLU A 265 -18.53 12.56 33.83
N VAL A 266 -17.88 12.53 32.68
CA VAL A 266 -16.44 12.74 32.61
C VAL A 266 -16.04 14.08 33.18
N TYR A 267 -16.74 15.13 32.75
CA TYR A 267 -16.50 16.49 33.24
C TYR A 267 -16.40 16.46 34.78
N GLN A 268 -17.46 15.99 35.41
CA GLN A 268 -17.53 15.93 36.86
C GLN A 268 -16.40 15.09 37.42
N GLU A 269 -16.09 13.99 36.74
CA GLU A 269 -14.96 13.14 37.14
C GLU A 269 -13.67 13.94 37.12
N LEU A 270 -13.51 14.75 36.07
CA LEU A 270 -12.23 15.48 35.87
C LEU A 270 -12.07 16.57 36.89
N HIS A 271 -13.17 17.28 37.11
CA HIS A 271 -13.24 18.33 38.11
C HIS A 271 -12.79 17.85 39.48
N GLU A 272 -13.29 16.71 39.90
CA GLU A 272 -12.96 16.17 41.23
C GLU A 272 -11.53 15.63 41.32
N ASN A 273 -11.00 15.15 40.20
CA ASN A 273 -9.59 14.70 40.14
C ASN A 273 -8.82 15.21 38.93
N LEU A 274 -8.15 16.33 39.09
CA LEU A 274 -7.45 16.98 37.99
C LEU A 274 -6.24 16.20 37.50
N ASP A 275 -5.75 15.28 38.32
CA ASP A 275 -4.68 14.35 37.89
C ASP A 275 -5.02 13.52 36.64
N LEU A 276 -6.30 13.43 36.30
CA LEU A 276 -6.79 12.62 35.18
C LEU A 276 -6.83 13.37 33.83
N VAL A 277 -6.57 14.67 33.84
CA VAL A 277 -6.70 15.47 32.61
C VAL A 277 -5.76 15.02 31.47
N PRO A 278 -4.48 14.78 31.77
CA PRO A 278 -3.64 14.22 30.70
C PRO A 278 -4.26 12.99 30.00
N GLN A 279 -4.62 11.98 30.78
CA GLN A 279 -5.24 10.79 30.24
C GLN A 279 -6.48 11.07 29.41
N ALA A 280 -7.30 11.98 29.88
CA ALA A 280 -8.47 12.37 29.10
C ALA A 280 -8.05 13.00 27.78
N VAL A 281 -6.94 13.73 27.78
CA VAL A 281 -6.46 14.34 26.55
C VAL A 281 -6.05 13.26 25.53
N GLU A 282 -5.40 12.20 25.99
CA GLU A 282 -5.05 11.15 25.08
C GLU A 282 -6.32 10.53 24.47
N GLU A 283 -7.38 10.46 25.26
CA GLU A 283 -8.63 9.84 24.82
C GLU A 283 -9.35 10.73 23.83
N MET A 284 -9.20 12.03 23.96
CA MET A 284 -9.76 12.94 22.96
C MET A 284 -8.93 12.85 21.69
N LEU A 285 -7.64 12.66 21.88
CA LEU A 285 -6.74 12.43 20.74
C LEU A 285 -7.09 11.16 20.02
N ARG A 286 -7.47 10.12 20.76
CA ARG A 286 -7.81 8.83 20.17
C ARG A 286 -9.16 8.85 19.46
N PHE A 287 -10.15 9.31 20.17
CA PHE A 287 -11.55 9.07 19.84
C PHE A 287 -12.23 10.27 19.17
N ARG A 288 -11.65 11.44 19.31
CA ARG A 288 -12.33 12.71 18.99
C ARG A 288 -11.56 13.68 18.13
N PHE A 289 -10.51 13.21 17.50
CA PHE A 289 -9.77 14.02 16.56
C PHE A 289 -10.05 13.45 15.17
N ASN A 290 -11.31 13.52 14.77
CA ASN A 290 -11.78 13.01 13.46
C ASN A 290 -11.94 14.15 12.48
N LEU A 291 -11.47 14.01 11.24
CA LEU A 291 -10.92 12.77 10.64
C LEU A 291 -9.55 13.07 10.11
N ILE A 292 -8.57 12.38 10.63
CA ILE A 292 -7.20 12.65 10.25
C ILE A 292 -6.63 11.52 9.40
N LYS A 293 -5.87 11.91 8.39
CA LYS A 293 -5.22 10.96 7.51
C LYS A 293 -3.85 11.52 7.11
N LEU A 294 -3.02 10.64 6.56
CA LEU A 294 -1.79 11.08 5.94
C LEU A 294 -1.61 10.39 4.62
N ASP A 295 -0.82 11.01 3.75
CA ASP A 295 -0.54 10.44 2.44
C ASP A 295 0.91 10.04 2.38
N ARG A 296 1.13 8.97 1.64
CA ARG A 296 2.44 8.54 1.32
C ARG A 296 2.39 8.13 -0.11
N THR A 297 3.57 7.94 -0.65
CA THR A 297 3.73 7.46 -1.99
C THR A 297 4.68 6.30 -1.92
N VAL A 298 4.33 5.26 -2.65
CA VAL A 298 5.12 4.06 -2.67
C VAL A 298 6.38 4.35 -3.46
N LYS A 299 7.52 3.96 -2.91
CA LYS A 299 8.81 4.31 -3.48
C LYS A 299 9.52 3.07 -4.04
N GLU A 300 9.26 1.92 -3.43
CA GLU A 300 9.81 0.62 -3.82
C GLU A 300 8.69 -0.41 -3.73
N ASP A 301 8.47 -1.19 -4.79
CA ASP A 301 7.39 -2.21 -4.81
C ASP A 301 7.35 -3.09 -3.56
N ASN A 302 6.16 -3.47 -3.10
CA ASN A 302 6.03 -4.35 -1.94
C ASN A 302 4.62 -4.86 -1.69
N ASP A 303 4.52 -5.77 -0.73
CA ASP A 303 3.27 -6.44 -0.36
C ASP A 303 3.02 -6.37 1.16
N LEU A 304 3.62 -5.39 1.83
CA LEU A 304 3.54 -5.26 3.29
C LEU A 304 2.12 -5.18 3.86
N LEU A 305 1.18 -4.81 3.00
CA LEU A 305 -0.24 -4.70 3.37
C LEU A 305 -1.00 -5.88 2.83
N GLY A 306 -0.34 -7.03 2.71
CA GLY A 306 -0.94 -8.19 2.03
C GLY A 306 -1.43 -7.95 0.61
N VAL A 307 -0.98 -6.88 -0.04
CA VAL A 307 -1.29 -6.67 -1.46
C VAL A 307 -0.07 -6.02 -2.09
N GLU A 308 0.18 -6.32 -3.36
CA GLU A 308 1.33 -5.77 -4.05
C GLU A 308 0.99 -4.35 -4.48
N LEU A 309 1.74 -3.40 -3.93
CA LEU A 309 1.72 -2.04 -4.41
C LEU A 309 3.00 -1.77 -5.16
N LYS A 310 2.89 -0.88 -6.13
CA LYS A 310 4.01 -0.52 -7.00
C LYS A 310 4.42 0.94 -6.87
N GLU A 311 5.68 1.20 -7.18
CA GLU A 311 6.24 2.55 -7.18
C GLU A 311 5.25 3.56 -7.77
N GLY A 312 5.06 4.66 -7.04
CA GLY A 312 4.19 5.72 -7.51
C GLY A 312 2.75 5.56 -7.07
N ASP A 313 2.36 4.38 -6.62
CA ASP A 313 1.04 4.17 -5.99
C ASP A 313 0.89 5.10 -4.77
N SER A 314 -0.28 5.70 -4.65
CA SER A 314 -0.54 6.61 -3.54
C SER A 314 -1.26 5.85 -2.43
N VAL A 315 -0.79 6.08 -1.20
CA VAL A 315 -1.38 5.42 -0.03
C VAL A 315 -1.97 6.49 0.87
N VAL A 316 -3.08 6.17 1.48
CA VAL A 316 -3.65 7.04 2.48
C VAL A 316 -3.95 6.20 3.67
N VAL A 317 -3.45 6.65 4.81
CA VAL A 317 -3.60 5.93 6.08
C VAL A 317 -4.56 6.75 6.94
N TRP A 318 -5.55 6.08 7.50
CA TRP A 318 -6.60 6.74 8.25
C TRP A 318 -6.40 6.56 9.73
N MET A 319 -5.61 7.46 10.31
CA MET A 319 -5.25 7.30 11.72
C MET A 319 -6.43 7.32 12.69
N SER A 320 -7.47 8.06 12.36
CA SER A 320 -8.70 8.04 13.15
C SER A 320 -9.30 6.63 13.23
N ALA A 321 -9.28 5.95 12.09
CA ALA A 321 -9.85 4.63 12.03
C ALA A 321 -8.96 3.68 12.80
N ALA A 322 -7.66 3.74 12.56
CA ALA A 322 -6.72 2.90 13.29
C ALA A 322 -6.91 3.05 14.82
N ASN A 323 -7.07 4.30 15.27
CA ASN A 323 -7.39 4.58 16.69
C ASN A 323 -8.69 3.93 17.21
N MET A 324 -9.40 3.22 16.34
CA MET A 324 -10.67 2.58 16.69
C MET A 324 -10.69 1.08 16.37
N ASP A 325 -9.50 0.57 16.17
CA ASP A 325 -9.28 -0.80 15.82
C ASP A 325 -9.32 -1.62 17.11
N GLU A 326 -10.25 -2.58 17.17
CA GLU A 326 -10.46 -3.44 18.36
C GLU A 326 -9.28 -4.31 18.65
N GLU A 327 -8.46 -4.60 17.66
CA GLU A 327 -7.27 -5.39 17.92
C GLU A 327 -6.29 -4.66 18.85
N MET A 328 -6.35 -3.34 18.89
CA MET A 328 -5.43 -2.56 19.69
C MET A 328 -6.07 -1.97 20.93
N PHE A 329 -7.32 -1.53 20.81
CA PHE A 329 -8.00 -0.83 21.88
C PHE A 329 -9.31 -1.50 22.23
N GLU A 330 -9.48 -1.85 23.51
CA GLU A 330 -10.71 -2.53 23.94
C GLU A 330 -11.88 -1.57 23.86
N ASP A 331 -13.04 -2.12 23.53
CA ASP A 331 -14.26 -1.34 23.38
C ASP A 331 -13.94 0.00 22.70
N PRO A 332 -13.44 -0.06 21.46
CA PRO A 332 -12.86 1.13 20.86
C PRO A 332 -13.87 2.23 20.53
N PHE A 333 -15.13 1.85 20.42
CA PHE A 333 -16.15 2.85 20.08
C PHE A 333 -16.75 3.47 21.30
N THR A 334 -16.11 3.30 22.45
CA THR A 334 -16.53 3.98 23.64
C THR A 334 -15.43 4.89 24.17
N LEU A 335 -15.84 6.07 24.66
CA LEU A 335 -14.93 6.97 25.34
C LEU A 335 -14.64 6.34 26.68
N ASN A 336 -13.36 6.14 26.96
CA ASN A 336 -12.89 5.60 28.23
C ASN A 336 -11.50 6.16 28.51
N ILE A 337 -11.46 7.14 29.38
CA ILE A 337 -10.20 7.80 29.73
C ILE A 337 -9.28 6.98 30.61
N HIS A 338 -9.77 5.84 31.08
CA HIS A 338 -8.94 4.91 31.85
C HIS A 338 -8.42 3.73 31.05
N ARG A 339 -8.82 3.60 29.77
CA ARG A 339 -8.27 2.54 28.93
C ARG A 339 -6.77 2.70 28.98
N PRO A 340 -6.04 1.72 29.50
CA PRO A 340 -4.62 1.99 29.82
C PRO A 340 -3.71 2.25 28.64
N ASN A 341 -4.11 1.91 27.42
CA ASN A 341 -3.21 2.11 26.31
C ASN A 341 -3.61 3.25 25.35
N ASN A 342 -4.46 4.15 25.79
CA ASN A 342 -4.87 5.28 24.94
C ASN A 342 -3.71 6.09 24.34
N LYS A 343 -2.60 6.14 25.06
CA LYS A 343 -1.39 6.87 24.65
C LYS A 343 -0.77 6.28 23.38
N LYS A 344 -1.15 5.06 23.03
CA LYS A 344 -0.68 4.41 21.80
C LYS A 344 -1.45 4.81 20.53
N HIS A 345 -2.34 5.78 20.63
CA HIS A 345 -3.04 6.28 19.44
C HIS A 345 -2.05 6.82 18.42
N LEU A 346 -2.51 7.03 17.19
CA LEU A 346 -1.61 7.49 16.14
C LEU A 346 -1.95 8.86 15.56
N THR A 347 -2.72 9.63 16.28
CA THR A 347 -3.10 10.96 15.86
C THR A 347 -1.91 11.89 15.59
N PHE A 348 -0.78 11.63 16.23
CA PHE A 348 0.44 12.43 16.01
C PHE A 348 1.35 11.70 15.08
N GLY A 349 0.79 10.72 14.40
CA GLY A 349 1.59 9.91 13.50
C GLY A 349 2.43 8.86 14.22
N ASN A 350 3.48 8.44 13.53
CA ASN A 350 4.32 7.32 13.97
C ASN A 350 5.60 7.31 13.13
N GLY A 351 6.69 6.87 13.75
CA GLY A 351 7.97 6.79 13.09
C GLY A 351 8.74 8.08 12.98
N PRO A 352 9.43 8.27 11.82
CA PRO A 352 10.35 9.40 11.68
C PRO A 352 9.66 10.75 11.71
N HIS A 353 8.49 10.85 11.12
CA HIS A 353 7.79 12.10 11.08
C HIS A 353 6.85 12.38 12.28
N PHE A 354 6.82 11.50 13.27
CA PHE A 354 5.99 11.69 14.47
C PHE A 354 6.04 13.13 14.95
N CYS A 355 4.87 13.67 15.28
CA CYS A 355 4.72 15.10 15.53
C CYS A 355 5.73 15.67 16.50
N LEU A 356 6.45 16.69 16.06
CA LEU A 356 7.46 17.35 16.84
C LEU A 356 6.83 18.21 17.91
N GLY A 357 5.60 18.64 17.71
CA GLY A 357 4.87 19.49 18.66
C GLY A 357 3.90 18.79 19.61
N ALA A 358 3.94 17.47 19.64
CA ALA A 358 3.00 16.72 20.49
C ALA A 358 3.09 17.10 21.98
N PRO A 359 4.31 17.20 22.53
CA PRO A 359 4.41 17.64 23.94
C PRO A 359 3.78 19.01 24.16
N LEU A 360 3.92 19.89 23.19
CA LEU A 360 3.32 21.21 23.29
C LEU A 360 1.82 21.17 23.19
N ALA A 361 1.30 20.46 22.21
CA ALA A 361 -0.15 20.32 22.09
C ALA A 361 -0.73 19.65 23.34
N ARG A 362 -0.08 18.59 23.81
CA ARG A 362 -0.53 17.90 25.04
C ARG A 362 -0.54 18.89 26.19
N LEU A 363 0.59 19.57 26.36
CA LEU A 363 0.69 20.59 27.41
C LEU A 363 -0.42 21.67 27.31
N GLU A 364 -0.55 22.28 26.15
CA GLU A 364 -1.54 23.32 26.02
C GLU A 364 -2.90 22.81 26.44
N ALA A 365 -3.25 21.60 26.02
CA ALA A 365 -4.59 21.05 26.34
C ALA A 365 -4.74 20.72 27.84
N LYS A 366 -3.76 20.04 28.41
CA LYS A 366 -3.74 19.80 29.85
C LYS A 366 -4.05 21.12 30.58
N ILE A 367 -3.27 22.14 30.28
CA ILE A 367 -3.40 23.42 30.98
C ILE A 367 -4.74 24.07 30.72
N ALA A 368 -5.07 24.23 29.46
CA ALA A 368 -6.37 24.77 29.06
C ALA A 368 -7.53 24.08 29.77
N LEU A 369 -7.45 22.77 29.90
CA LEU A 369 -8.57 22.04 30.48
C LEU A 369 -8.58 22.19 32.00
N THR A 370 -7.42 22.01 32.61
CA THR A 370 -7.30 22.16 34.06
C THR A 370 -7.84 23.52 34.53
N ALA A 371 -7.28 24.58 33.99
CA ALA A 371 -7.71 25.93 34.33
C ALA A 371 -9.23 26.13 34.31
N PHE A 372 -9.87 25.59 33.29
CA PHE A 372 -11.32 25.72 33.12
C PHE A 372 -12.07 24.87 34.11
N LEU A 373 -11.54 23.67 34.37
CA LEU A 373 -12.10 22.78 35.40
C LEU A 373 -11.98 23.42 36.78
N LYS A 374 -10.83 24.01 37.03
CA LYS A 374 -10.57 24.67 38.30
C LYS A 374 -11.57 25.80 38.57
N LYS A 375 -12.08 26.44 37.53
CA LYS A 375 -13.03 27.54 37.69
C LYS A 375 -14.47 27.09 37.71
N PHE A 376 -14.91 26.44 36.64
CA PHE A 376 -16.31 26.03 36.50
C PHE A 376 -16.53 24.57 36.94
N LYS A 377 -17.73 24.32 37.46
CA LYS A 377 -18.06 23.07 38.15
C LYS A 377 -18.99 22.22 37.29
N HIS A 378 -19.83 22.87 36.51
CA HIS A 378 -20.76 22.20 35.62
C HIS A 378 -20.71 22.92 34.28
N ILE A 379 -21.04 22.21 33.20
CA ILE A 379 -21.30 22.85 31.91
C ILE A 379 -22.62 22.36 31.38
N GLU A 380 -23.14 22.98 30.34
CA GLU A 380 -24.41 22.54 29.77
C GLU A 380 -24.53 22.91 28.30
N ALA A 381 -25.19 22.05 27.54
CA ALA A 381 -25.38 22.29 26.14
C ALA A 381 -26.44 23.36 25.97
N VAL A 382 -26.65 23.76 24.73
CA VAL A 382 -27.57 24.81 24.35
C VAL A 382 -28.42 24.28 23.18
N PRO A 383 -29.74 24.18 23.36
CA PRO A 383 -30.51 23.40 22.39
C PRO A 383 -30.64 24.05 21.02
N SER A 384 -30.50 25.36 20.95
CA SER A 384 -30.55 26.06 19.65
C SER A 384 -29.41 25.60 18.73
N PHE A 385 -28.23 25.46 19.32
CA PHE A 385 -26.99 25.11 18.61
C PHE A 385 -27.10 23.80 17.86
N GLN A 386 -26.98 23.89 16.54
CA GLN A 386 -26.94 22.70 15.68
C GLN A 386 -25.57 22.52 15.02
N LEU A 387 -25.02 21.32 15.22
CA LEU A 387 -23.68 20.96 14.82
C LEU A 387 -23.43 21.21 13.35
N GLU A 388 -24.30 20.66 12.51
CA GLU A 388 -24.20 20.81 11.05
C GLU A 388 -23.89 22.24 10.65
N GLU A 389 -24.60 23.16 11.28
CA GLU A 389 -24.48 24.58 10.96
C GLU A 389 -23.16 25.18 11.43
N ASN A 390 -22.45 24.50 12.33
CA ASN A 390 -21.16 24.98 12.86
C ASN A 390 -19.96 24.09 12.61
N LEU A 391 -19.94 23.48 11.43
CA LEU A 391 -18.78 22.76 10.93
C LEU A 391 -18.36 23.29 9.58
N THR A 392 -17.05 23.37 9.40
CA THR A 392 -16.44 23.73 8.13
C THR A 392 -15.28 22.81 7.80
N ASP A 393 -14.90 22.81 6.52
CA ASP A 393 -13.82 21.96 6.05
C ASP A 393 -12.49 22.44 6.60
N SER A 394 -11.72 21.51 7.14
CA SER A 394 -10.34 21.75 7.48
C SER A 394 -9.48 20.62 6.91
N ALA A 395 -8.18 20.80 6.99
CA ALA A 395 -7.23 19.78 6.58
C ALA A 395 -7.46 18.45 7.33
N THR A 396 -8.01 18.55 8.54
CA THR A 396 -8.34 17.38 9.38
C THR A 396 -9.86 17.15 9.46
N GLY A 397 -10.52 17.15 8.30
CA GLY A 397 -11.96 16.91 8.22
C GLY A 397 -12.69 17.91 9.12
N GLN A 398 -14.02 17.82 9.18
CA GLN A 398 -14.84 18.90 9.77
C GLN A 398 -14.30 19.45 11.07
N THR A 399 -14.19 20.78 11.13
CA THR A 399 -13.82 21.46 12.34
C THR A 399 -14.88 22.48 12.77
N LEU A 400 -14.99 22.63 14.09
CA LEU A 400 -15.99 23.49 14.70
C LEU A 400 -15.69 24.95 14.42
N THR A 401 -16.73 25.68 14.02
CA THR A 401 -16.69 27.13 13.82
C THR A 401 -17.02 27.85 15.13
N SER A 402 -17.99 27.32 15.86
CA SER A 402 -18.25 27.76 17.24
C SER A 402 -18.79 26.61 18.04
N LEU A 403 -18.54 26.66 19.34
CA LEU A 403 -19.12 25.71 20.30
C LEU A 403 -19.65 26.43 21.55
N PRO A 404 -20.97 26.69 21.58
CA PRO A 404 -21.57 27.46 22.63
C PRO A 404 -21.94 26.57 23.78
N LEU A 405 -21.60 26.99 24.99
CA LEU A 405 -22.03 26.30 26.21
C LEU A 405 -22.42 27.27 27.35
N LYS A 406 -22.87 26.69 28.46
CA LYS A 406 -23.18 27.45 29.66
C LYS A 406 -22.49 26.81 30.84
N ALA A 407 -21.68 27.59 31.54
CA ALA A 407 -20.89 27.09 32.65
C ALA A 407 -21.22 27.76 33.98
N SER A 408 -21.13 26.98 35.05
CA SER A 408 -21.49 27.41 36.39
C SER A 408 -20.29 27.54 37.27
N ARG A 409 -20.23 28.72 37.91
CA ARG A 409 -19.32 29.18 39.01
C ARG A 409 -18.47 30.41 38.62
N VAL B 4 -17.76 -21.04 -18.22
CA VAL B 4 -16.41 -20.82 -18.80
C VAL B 4 -16.47 -19.83 -19.98
N ILE B 5 -15.38 -19.08 -20.12
CA ILE B 5 -15.07 -18.27 -21.27
C ILE B 5 -13.81 -18.86 -21.87
N ALA B 6 -13.82 -19.10 -23.18
CA ALA B 6 -12.61 -19.61 -23.83
C ALA B 6 -11.89 -18.54 -24.63
N VAL B 7 -10.57 -18.53 -24.52
CA VAL B 7 -9.72 -17.62 -25.27
C VAL B 7 -10.11 -17.62 -26.73
N LYS B 8 -10.04 -18.79 -27.34
CA LYS B 8 -10.01 -18.94 -28.79
C LYS B 8 -11.22 -18.37 -29.48
N GLU B 9 -12.33 -18.34 -28.78
CA GLU B 9 -13.53 -17.70 -29.35
C GLU B 9 -13.29 -16.19 -29.63
N ILE B 10 -12.64 -15.50 -28.71
CA ILE B 10 -12.41 -14.06 -28.84
C ILE B 10 -11.34 -13.82 -29.87
N THR B 11 -10.33 -14.66 -29.81
CA THR B 11 -9.12 -14.48 -30.61
C THR B 11 -9.17 -15.08 -32.04
N ARG B 12 -9.80 -16.24 -32.19
CA ARG B 12 -10.05 -16.84 -33.51
C ARG B 12 -8.76 -16.92 -34.30
N PHE B 13 -7.70 -17.42 -33.66
CA PHE B 13 -6.42 -17.59 -34.34
C PHE B 13 -6.43 -18.88 -35.15
N LYS B 14 -6.04 -18.78 -36.41
CA LYS B 14 -5.92 -19.94 -37.28
C LYS B 14 -4.66 -20.78 -36.99
N THR B 15 -3.67 -20.14 -36.36
CA THR B 15 -2.30 -20.66 -36.24
C THR B 15 -1.89 -20.65 -34.78
N ARG B 16 -1.10 -21.64 -34.36
CA ARG B 16 -0.52 -21.64 -33.01
C ARG B 16 0.53 -20.52 -32.89
N THR B 17 1.26 -20.32 -33.97
CA THR B 17 2.32 -19.34 -34.07
C THR B 17 1.81 -17.94 -33.76
N GLU B 18 0.63 -17.63 -34.28
CA GLU B 18 0.07 -16.28 -34.12
C GLU B 18 -0.34 -16.03 -32.67
N GLU B 19 -0.83 -17.06 -32.01
CA GLU B 19 -1.15 -16.97 -30.58
C GLU B 19 0.11 -16.82 -29.72
N PHE B 20 1.24 -17.32 -30.23
CA PHE B 20 2.53 -17.31 -29.51
C PHE B 20 3.23 -15.94 -29.67
N SER B 21 3.07 -15.38 -30.86
CA SER B 21 3.58 -14.06 -31.20
C SER B 21 2.44 -13.23 -31.79
N PRO B 22 1.54 -12.70 -30.93
CA PRO B 22 0.32 -12.00 -31.35
C PRO B 22 0.48 -10.51 -31.47
N TYR B 23 1.70 -10.10 -31.74
CA TYR B 23 2.00 -8.68 -31.81
C TYR B 23 1.06 -7.94 -32.75
N ALA B 24 0.73 -8.57 -33.88
CA ALA B 24 -0.07 -7.93 -34.92
C ALA B 24 -1.46 -7.55 -34.40
N TRP B 25 -2.14 -8.56 -33.90
CA TRP B 25 -3.45 -8.44 -33.27
C TRP B 25 -3.50 -7.44 -32.12
N CYS B 26 -2.56 -7.55 -31.18
CA CYS B 26 -2.52 -6.61 -30.03
C CYS B 26 -2.42 -5.15 -30.47
N LYS B 27 -1.57 -4.87 -31.47
CA LYS B 27 -1.43 -3.50 -32.02
C LYS B 27 -2.72 -2.97 -32.61
N ARG B 28 -3.41 -3.87 -33.26
CA ARG B 28 -4.66 -3.57 -33.93
C ARG B 28 -5.74 -3.24 -32.88
N MET B 29 -5.88 -4.14 -31.90
CA MET B 29 -6.86 -3.95 -30.84
C MET B 29 -6.57 -2.67 -30.03
N LEU B 30 -5.31 -2.47 -29.70
CA LEU B 30 -4.90 -1.26 -28.95
C LEU B 30 -5.23 0.04 -29.69
N GLU B 31 -5.09 0.00 -31.00
CA GLU B 31 -5.25 1.21 -31.83
C GLU B 31 -6.66 1.42 -32.39
N ASN B 32 -7.36 0.33 -32.65
CA ASN B 32 -8.69 0.43 -33.24
C ASN B 32 -9.84 0.22 -32.29
N ASP B 33 -9.65 -0.66 -31.31
CA ASP B 33 -10.76 -1.16 -30.52
C ASP B 33 -10.34 -1.50 -29.09
N PRO B 34 -9.75 -0.52 -28.39
CA PRO B 34 -9.17 -0.74 -27.04
C PRO B 34 -10.13 -1.29 -25.99
N VAL B 35 -11.36 -0.86 -26.05
CA VAL B 35 -12.42 -1.40 -25.20
C VAL B 35 -13.44 -1.95 -26.17
N SER B 36 -13.48 -3.26 -26.27
CA SER B 36 -14.02 -3.96 -27.45
C SER B 36 -15.05 -5.00 -27.01
N TYR B 37 -16.31 -4.75 -27.35
CA TYR B 37 -17.36 -5.76 -27.08
C TYR B 37 -17.26 -6.91 -28.08
N HIS B 38 -17.37 -8.12 -27.57
CA HIS B 38 -17.35 -9.30 -28.39
C HIS B 38 -18.65 -10.10 -28.16
N GLU B 39 -19.49 -10.03 -29.17
CA GLU B 39 -20.84 -10.57 -29.09
C GLU B 39 -20.83 -12.08 -28.84
N GLY B 40 -20.05 -12.79 -29.65
CA GLY B 40 -19.93 -14.25 -29.54
C GLY B 40 -19.89 -14.76 -28.11
N THR B 41 -19.05 -14.13 -27.29
CA THR B 41 -18.85 -14.55 -25.87
C THR B 41 -19.49 -13.61 -24.89
N ASP B 42 -20.09 -12.54 -25.42
CA ASP B 42 -20.71 -11.52 -24.61
C ASP B 42 -19.65 -11.07 -23.60
N THR B 43 -18.54 -10.58 -24.15
CA THR B 43 -17.40 -10.18 -23.35
C THR B 43 -17.03 -8.78 -23.75
N TRP B 44 -16.70 -7.97 -22.76
CA TRP B 44 -15.99 -6.75 -22.99
C TRP B 44 -14.50 -6.97 -22.75
N ASN B 45 -13.71 -6.54 -23.72
CA ASN B 45 -12.33 -6.91 -23.78
C ASN B 45 -11.49 -5.67 -23.67
N VAL B 46 -10.55 -5.68 -22.72
CA VAL B 46 -9.77 -4.49 -22.36
C VAL B 46 -8.33 -4.71 -22.70
N PHE B 47 -7.76 -3.72 -23.39
CA PHE B 47 -6.41 -3.81 -23.96
C PHE B 47 -5.43 -2.75 -23.46
N LYS B 48 -5.89 -1.54 -23.18
CA LYS B 48 -4.95 -0.46 -22.83
C LYS B 48 -4.40 -0.61 -21.38
N TYR B 49 -3.10 -0.43 -21.22
CA TYR B 49 -2.45 -0.41 -19.89
C TYR B 49 -3.27 0.23 -18.78
N GLU B 50 -3.60 1.50 -18.97
CA GLU B 50 -4.28 2.26 -17.92
C GLU B 50 -5.57 1.59 -17.54
N ASP B 51 -6.26 1.02 -18.52
CA ASP B 51 -7.57 0.42 -18.25
C ASP B 51 -7.44 -0.94 -17.56
N VAL B 52 -6.54 -1.76 -18.07
CA VAL B 52 -6.31 -3.04 -17.51
C VAL B 52 -5.93 -2.84 -16.04
N LYS B 53 -4.99 -1.92 -15.83
CA LYS B 53 -4.44 -1.67 -14.51
C LYS B 53 -5.59 -1.31 -13.57
N ARG B 54 -6.44 -0.42 -14.03
CA ARG B 54 -7.59 0.00 -13.24
C ARG B 54 -8.66 -1.06 -13.08
N VAL B 55 -8.94 -1.88 -14.09
CA VAL B 55 -9.88 -2.96 -13.87
C VAL B 55 -9.38 -3.92 -12.76
N LEU B 56 -8.12 -4.34 -12.88
CA LEU B 56 -7.55 -5.28 -11.90
C LEU B 56 -7.45 -4.70 -10.46
N SER B 57 -7.17 -3.41 -10.33
CA SER B 57 -7.11 -2.75 -9.00
C SER B 57 -8.49 -2.55 -8.40
N ASP B 58 -9.48 -2.27 -9.25
CA ASP B 58 -10.79 -1.82 -8.78
C ASP B 58 -11.74 -2.98 -8.57
N TYR B 59 -11.36 -3.78 -7.58
CA TYR B 59 -12.12 -4.97 -7.16
C TYR B 59 -13.54 -4.66 -6.72
N LYS B 60 -13.76 -3.47 -6.18
CA LYS B 60 -15.13 -3.03 -5.78
C LYS B 60 -16.10 -3.11 -6.94
N HIS B 61 -15.66 -2.59 -8.08
CA HIS B 61 -16.44 -2.55 -9.31
C HIS B 61 -16.23 -3.75 -10.21
N PHE B 62 -15.02 -4.30 -10.22
CA PHE B 62 -14.71 -5.50 -11.02
C PHE B 62 -14.22 -6.67 -10.16
N SER B 63 -15.19 -7.47 -9.77
CA SER B 63 -15.00 -8.50 -8.78
C SER B 63 -14.45 -9.76 -9.41
N SER B 64 -13.72 -10.49 -8.58
CA SER B 64 -13.07 -11.75 -8.94
C SER B 64 -13.90 -12.90 -8.38
N VAL B 65 -14.90 -12.57 -7.55
CA VAL B 65 -15.95 -13.52 -7.16
C VAL B 65 -16.90 -13.49 -8.34
N ARG B 66 -17.01 -14.59 -9.04
CA ARG B 66 -17.54 -14.51 -10.37
C ARG B 66 -18.19 -15.78 -10.78
N LYS B 67 -19.07 -15.66 -11.76
CA LYS B 67 -19.88 -16.76 -12.22
C LYS B 67 -19.22 -17.38 -13.43
N ARG B 68 -18.92 -16.55 -14.43
CA ARG B 68 -18.08 -16.94 -15.57
C ARG B 68 -16.57 -16.71 -15.33
N THR B 69 -15.75 -17.61 -15.88
CA THR B 69 -14.30 -17.63 -15.59
C THR B 69 -13.47 -18.07 -16.78
N THR B 70 -12.24 -17.57 -16.78
CA THR B 70 -11.21 -17.88 -17.76
C THR B 70 -10.39 -19.11 -17.31
N ILE B 71 -10.41 -19.40 -16.01
CA ILE B 71 -9.46 -20.34 -15.40
C ILE B 71 -10.10 -21.71 -15.18
N SER B 72 -9.42 -22.76 -15.62
CA SER B 72 -9.76 -24.17 -15.28
C SER B 72 -8.56 -24.93 -14.70
N VAL B 73 -8.33 -24.72 -13.42
CA VAL B 73 -7.26 -25.37 -12.67
C VAL B 73 -7.94 -26.23 -11.59
N GLY B 74 -7.50 -27.47 -11.45
CA GLY B 74 -8.13 -28.41 -10.52
C GLY B 74 -9.34 -29.00 -11.21
N THR B 75 -10.24 -29.64 -10.44
CA THR B 75 -11.34 -30.44 -11.02
C THR B 75 -12.42 -30.80 -9.96
N ASP B 76 -13.68 -30.87 -10.38
CA ASP B 76 -14.87 -31.09 -9.50
C ASP B 76 -14.77 -32.12 -8.35
N SER B 77 -14.14 -33.26 -8.60
CA SER B 77 -14.11 -34.39 -7.64
C SER B 77 -13.55 -34.06 -6.22
N GLU B 78 -13.87 -34.91 -5.24
CA GLU B 78 -13.49 -34.69 -3.82
C GLU B 78 -12.00 -34.32 -3.74
N GLU B 79 -11.23 -34.94 -4.63
CA GLU B 79 -9.95 -34.44 -5.03
C GLU B 79 -10.02 -34.48 -6.55
N GLY B 80 -9.42 -33.54 -7.29
CA GLY B 80 -8.71 -32.40 -6.78
C GLY B 80 -9.45 -31.10 -7.10
N SER B 81 -10.62 -30.96 -6.49
CA SER B 81 -11.26 -29.64 -6.40
C SER B 81 -10.38 -28.71 -5.54
N VAL B 82 -10.67 -27.42 -5.61
CA VAL B 82 -9.90 -26.44 -4.86
C VAL B 82 -10.60 -26.13 -3.56
N PRO B 83 -9.92 -26.39 -2.43
CA PRO B 83 -10.61 -26.17 -1.15
C PRO B 83 -10.88 -24.68 -0.95
N GLU B 84 -12.14 -24.35 -0.67
CA GLU B 84 -12.62 -22.96 -0.42
C GLU B 84 -11.62 -22.02 0.27
N LYS B 85 -10.91 -22.55 1.24
CA LYS B 85 -9.97 -21.75 2.04
C LYS B 85 -8.70 -21.27 1.32
N ILE B 86 -8.33 -21.91 0.21
CA ILE B 86 -7.32 -21.33 -0.73
C ILE B 86 -7.88 -20.91 -2.11
N GLN B 87 -9.18 -20.68 -2.21
CA GLN B 87 -9.74 -20.07 -3.41
C GLN B 87 -9.39 -18.58 -3.38
N ILE B 88 -8.10 -18.33 -3.45
CA ILE B 88 -7.50 -17.02 -3.28
C ILE B 88 -7.92 -16.11 -4.44
N THR B 89 -7.72 -16.60 -5.66
CA THR B 89 -8.01 -15.79 -6.86
C THR B 89 -9.48 -15.50 -7.04
N GLU B 90 -10.34 -16.36 -6.52
CA GLU B 90 -11.78 -16.27 -6.75
C GLU B 90 -12.48 -15.73 -5.51
N SER B 91 -11.90 -14.67 -4.97
CA SER B 91 -12.33 -14.09 -3.72
C SER B 91 -12.03 -12.59 -3.73
N ASP B 92 -12.93 -11.83 -3.12
CA ASP B 92 -12.73 -10.39 -2.97
C ASP B 92 -12.45 -10.09 -1.50
N PRO B 93 -12.08 -8.83 -1.19
CA PRO B 93 -12.07 -8.39 0.20
C PRO B 93 -13.44 -8.47 0.91
N PRO B 94 -13.46 -8.74 2.21
CA PRO B 94 -12.25 -8.90 3.06
C PRO B 94 -11.64 -10.30 3.13
N ASP B 95 -12.29 -11.30 2.51
CA ASP B 95 -11.83 -12.71 2.59
C ASP B 95 -10.45 -12.89 1.96
N HIS B 96 -10.30 -12.29 0.80
CA HIS B 96 -9.10 -12.48 0.02
C HIS B 96 -7.83 -12.29 0.83
N ARG B 97 -7.75 -11.18 1.57
CA ARG B 97 -6.54 -10.82 2.32
C ARG B 97 -6.06 -11.95 3.27
N LYS B 98 -7.02 -12.63 3.87
CA LYS B 98 -6.76 -13.71 4.82
C LYS B 98 -6.31 -15.00 4.12
N ARG B 99 -7.01 -15.36 3.04
CA ARG B 99 -6.61 -16.48 2.18
C ARG B 99 -5.22 -16.31 1.57
N ARG B 100 -4.89 -15.10 1.17
CA ARG B 100 -3.58 -14.81 0.64
C ARG B 100 -2.49 -14.99 1.73
N SER B 101 -2.78 -14.57 2.96
CA SER B 101 -1.78 -14.70 4.06
C SER B 101 -1.40 -16.14 4.36
N LEU B 102 -2.35 -17.06 4.19
CA LEU B 102 -2.08 -18.52 4.23
C LEU B 102 -0.82 -18.87 3.48
N LEU B 103 -0.81 -18.52 2.20
CA LEU B 103 0.27 -18.93 1.30
C LEU B 103 1.46 -18.01 1.42
N ALA B 104 1.18 -16.72 1.57
CA ALA B 104 2.24 -15.71 1.64
C ALA B 104 3.28 -16.09 2.70
N ALA B 105 2.88 -16.96 3.63
CA ALA B 105 3.82 -17.69 4.49
C ALA B 105 5.14 -17.92 3.75
N ALA B 106 5.11 -18.81 2.77
CA ALA B 106 6.33 -19.14 2.01
C ALA B 106 6.85 -17.96 1.18
N PHE B 107 5.93 -17.25 0.55
CA PHE B 107 6.29 -16.29 -0.49
C PHE B 107 6.19 -14.85 0.02
N THR B 108 7.25 -14.06 -0.18
CA THR B 108 8.48 -14.47 -0.88
C THR B 108 9.62 -13.47 -0.62
N PRO B 109 10.19 -13.50 0.60
CA PRO B 109 10.96 -12.31 0.91
C PRO B 109 12.33 -12.59 1.54
N ARG B 110 12.36 -12.70 2.87
CA ARG B 110 13.42 -13.41 3.53
C ARG B 110 13.39 -14.82 2.95
N SER B 111 12.27 -15.51 3.12
CA SER B 111 12.14 -16.91 2.73
C SER B 111 12.96 -17.35 1.51
N LEU B 112 12.92 -16.56 0.44
CA LEU B 112 13.67 -16.89 -0.81
C LEU B 112 15.17 -16.92 -0.58
N GLN B 113 15.66 -15.87 0.09
CA GLN B 113 17.01 -15.77 0.65
C GLN B 113 17.60 -17.17 0.91
N ASN B 114 16.95 -17.90 1.81
CA ASN B 114 17.39 -19.22 2.24
C ASN B 114 17.45 -20.24 1.10
N TRP B 115 16.55 -20.09 0.12
CA TRP B 115 16.41 -21.04 -0.99
C TRP B 115 17.17 -20.68 -2.28
N GLU B 116 17.77 -19.50 -2.33
CA GLU B 116 18.58 -19.12 -3.52
C GLU B 116 19.70 -20.15 -3.75
N PRO B 117 20.52 -20.45 -2.70
CA PRO B 117 21.61 -21.46 -2.85
C PRO B 117 21.12 -22.81 -3.29
N ARG B 118 20.00 -23.25 -2.72
CA ARG B 118 19.39 -24.49 -3.15
C ARG B 118 19.04 -24.39 -4.63
N ILE B 119 18.46 -23.25 -5.04
CA ILE B 119 18.02 -23.04 -6.44
C ILE B 119 19.23 -22.95 -7.36
N GLN B 120 20.25 -22.25 -6.86
CA GLN B 120 21.55 -22.17 -7.53
C GLN B 120 22.04 -23.54 -7.93
N GLU B 121 22.09 -24.44 -6.94
CA GLU B 121 22.62 -25.79 -7.14
C GLU B 121 21.83 -26.60 -8.16
N ILE B 122 20.53 -26.51 -8.06
CA ILE B 122 19.67 -27.27 -8.95
C ILE B 122 19.94 -26.85 -10.41
N ALA B 123 20.24 -25.56 -10.58
CA ALA B 123 20.46 -24.99 -11.90
C ALA B 123 21.77 -25.48 -12.52
N ASP B 124 22.87 -25.25 -11.81
CA ASP B 124 24.17 -25.61 -12.40
C ASP B 124 24.32 -27.12 -12.59
N GLU B 125 23.62 -27.91 -11.77
CA GLU B 125 23.40 -29.36 -12.01
C GLU B 125 22.84 -29.63 -13.40
N LEU B 126 21.71 -29.01 -13.71
CA LEU B 126 21.03 -29.24 -15.02
C LEU B 126 21.79 -28.72 -16.23
N ILE B 127 22.53 -27.64 -16.10
CA ILE B 127 23.27 -27.21 -17.27
C ILE B 127 24.57 -27.97 -17.42
N GLY B 128 25.03 -28.56 -16.31
CA GLY B 128 26.07 -29.60 -16.34
C GLY B 128 25.77 -30.69 -17.36
N GLN B 129 24.53 -31.21 -17.36
CA GLN B 129 24.14 -32.30 -18.27
C GLN B 129 24.05 -31.88 -19.77
N MET B 130 24.21 -30.58 -20.04
CA MET B 130 24.29 -30.07 -21.43
C MET B 130 25.74 -29.81 -21.78
N ASP B 131 26.15 -30.20 -22.98
CA ASP B 131 27.54 -29.98 -23.41
C ASP B 131 27.73 -28.96 -24.53
N GLY B 132 27.11 -29.21 -25.68
CA GLY B 132 27.21 -28.28 -26.83
C GLY B 132 27.95 -28.75 -28.07
N GLY B 133 27.92 -30.04 -28.32
CA GLY B 133 28.21 -30.55 -29.65
C GLY B 133 26.87 -30.81 -30.30
N THR B 134 26.05 -31.58 -29.59
CA THR B 134 24.71 -31.95 -30.03
C THR B 134 23.70 -30.85 -29.73
N GLU B 135 22.53 -30.96 -30.34
CA GLU B 135 21.47 -29.98 -30.16
C GLU B 135 20.78 -30.18 -28.82
N ILE B 136 20.65 -29.07 -28.10
CA ILE B 136 20.00 -29.06 -26.80
C ILE B 136 18.53 -28.71 -26.95
N ASP B 137 17.69 -29.47 -26.27
CA ASP B 137 16.29 -29.14 -26.10
C ASP B 137 16.15 -28.44 -24.74
N ILE B 138 16.15 -27.11 -24.77
CA ILE B 138 16.06 -26.28 -23.54
C ILE B 138 14.83 -26.61 -22.66
N VAL B 139 13.74 -26.96 -23.34
CA VAL B 139 12.47 -27.28 -22.68
C VAL B 139 12.68 -28.48 -21.74
N ALA B 140 13.04 -29.61 -22.33
CA ALA B 140 13.31 -30.85 -21.61
C ALA B 140 14.52 -30.74 -20.66
N SER B 141 15.52 -29.96 -21.06
CA SER B 141 16.77 -29.86 -20.29
C SER B 141 16.78 -28.82 -19.18
N LEU B 142 15.86 -27.86 -19.24
CA LEU B 142 15.92 -26.71 -18.33
C LEU B 142 14.56 -26.06 -18.03
N ALA B 143 13.79 -25.78 -19.07
CA ALA B 143 12.54 -25.06 -18.89
C ALA B 143 11.59 -25.86 -17.99
N SER B 144 11.35 -27.10 -18.36
CA SER B 144 10.47 -27.96 -17.58
C SER B 144 11.05 -28.48 -16.22
N PRO B 145 12.25 -29.10 -16.22
CA PRO B 145 12.76 -29.62 -14.95
C PRO B 145 13.02 -28.63 -13.82
N LEU B 146 13.62 -27.48 -14.11
CA LEU B 146 14.09 -26.58 -13.06
C LEU B 146 13.01 -26.22 -12.02
N PRO B 147 11.87 -25.63 -12.47
CA PRO B 147 10.88 -25.20 -11.48
C PRO B 147 10.28 -26.37 -10.70
N ILE B 148 9.92 -27.42 -11.40
CA ILE B 148 9.46 -28.63 -10.76
C ILE B 148 10.39 -29.03 -9.61
N ILE B 149 11.66 -29.25 -9.95
CA ILE B 149 12.64 -29.74 -8.96
C ILE B 149 12.74 -28.77 -7.79
N VAL B 150 12.57 -27.50 -8.11
CA VAL B 150 12.68 -26.44 -7.12
C VAL B 150 11.45 -26.37 -6.16
N MET B 151 10.26 -26.51 -6.74
CA MET B 151 9.00 -26.46 -5.98
C MET B 151 8.90 -27.74 -5.12
N ALA B 152 9.41 -28.84 -5.68
CA ALA B 152 9.56 -30.07 -4.92
C ALA B 152 10.26 -29.76 -3.59
N ASP B 153 11.42 -29.10 -3.65
CA ASP B 153 12.18 -28.76 -2.43
C ASP B 153 11.44 -27.85 -1.47
N LEU B 154 10.72 -26.87 -1.99
CA LEU B 154 10.04 -25.88 -1.15
C LEU B 154 8.83 -26.49 -0.48
N MET B 155 8.26 -27.48 -1.12
CA MET B 155 7.02 -28.09 -0.62
C MET B 155 7.32 -29.11 0.48
N GLY B 156 8.42 -29.82 0.31
CA GLY B 156 8.86 -30.86 1.24
C GLY B 156 8.63 -32.26 0.67
N VAL B 157 8.82 -32.37 -0.65
CA VAL B 157 8.48 -33.54 -1.44
C VAL B 157 9.71 -34.12 -2.17
N PRO B 158 9.91 -35.45 -2.15
CA PRO B 158 11.09 -35.88 -2.88
C PRO B 158 11.07 -35.49 -4.35
N SER B 159 12.03 -34.61 -4.72
CA SER B 159 12.35 -34.22 -6.12
C SER B 159 12.62 -35.42 -7.05
N LYS B 160 12.87 -36.61 -6.49
CA LYS B 160 13.15 -37.79 -7.29
C LYS B 160 11.94 -38.19 -8.16
N ASP B 161 10.74 -37.81 -7.73
CA ASP B 161 9.49 -38.15 -8.44
C ASP B 161 8.96 -37.06 -9.41
N ARG B 162 9.91 -36.32 -9.94
CA ARG B 162 9.66 -35.13 -10.76
C ARG B 162 8.79 -35.33 -12.01
N LEU B 163 9.07 -36.38 -12.74
CA LEU B 163 8.42 -36.65 -14.01
C LEU B 163 6.94 -36.94 -13.76
N LEU B 164 6.69 -37.57 -12.61
CA LEU B 164 5.35 -37.90 -12.15
C LEU B 164 4.60 -36.61 -11.82
N PHE B 165 5.31 -35.70 -11.16
CA PHE B 165 4.73 -34.35 -10.86
C PHE B 165 4.36 -33.58 -12.14
N LYS B 166 5.29 -33.53 -13.09
CA LYS B 166 5.04 -32.86 -14.36
C LYS B 166 3.76 -33.42 -14.98
N LYS B 167 3.67 -34.76 -14.99
CA LYS B 167 2.56 -35.48 -15.58
C LYS B 167 1.25 -35.01 -14.97
N TRP B 168 1.21 -35.02 -13.64
CA TRP B 168 0.01 -34.71 -12.89
C TRP B 168 -0.40 -33.22 -13.03
N VAL B 169 0.57 -32.31 -12.98
CA VAL B 169 0.22 -30.86 -12.99
C VAL B 169 -0.02 -30.31 -14.40
N ASP B 170 0.78 -30.76 -15.38
CA ASP B 170 0.51 -30.50 -16.82
C ASP B 170 -0.93 -30.87 -17.10
N THR B 171 -1.30 -32.04 -16.61
CA THR B 171 -2.62 -32.62 -16.82
C THR B 171 -3.71 -31.81 -16.14
N LEU B 172 -3.43 -31.39 -14.91
CA LEU B 172 -4.42 -30.67 -14.13
C LEU B 172 -4.52 -29.16 -14.49
N PHE B 173 -3.41 -28.55 -14.91
CA PHE B 173 -3.45 -27.14 -15.33
C PHE B 173 -3.93 -26.99 -16.80
N LEU B 174 -4.46 -28.06 -17.39
CA LEU B 174 -4.92 -28.01 -18.79
C LEU B 174 -5.98 -26.93 -18.95
N PRO B 175 -5.93 -26.24 -20.09
CA PRO B 175 -6.92 -25.21 -20.40
C PRO B 175 -8.32 -25.76 -20.67
N PHE B 176 -9.26 -24.85 -20.87
CA PHE B 176 -10.65 -25.19 -21.19
C PHE B 176 -10.80 -25.43 -22.69
N ASP B 185 -11.75 -33.66 -18.40
CA ASP B 185 -12.33 -33.80 -17.06
C ASP B 185 -12.15 -35.21 -16.44
N LYS B 186 -11.88 -36.19 -17.29
CA LYS B 186 -11.59 -37.58 -16.88
C LYS B 186 -10.08 -37.86 -16.79
N LEU B 187 -9.30 -37.19 -17.64
CA LEU B 187 -7.83 -37.19 -17.50
C LEU B 187 -7.36 -36.52 -16.16
N LYS B 188 -8.17 -35.57 -15.65
CA LYS B 188 -7.89 -34.83 -14.41
C LYS B 188 -8.30 -35.62 -13.15
N GLN B 189 -9.48 -36.22 -13.21
CA GLN B 189 -9.93 -37.21 -12.22
C GLN B 189 -8.82 -38.22 -11.88
N VAL B 190 -8.20 -38.78 -12.93
CA VAL B 190 -7.21 -39.86 -12.75
C VAL B 190 -5.92 -39.32 -12.14
N ALA B 191 -5.41 -38.26 -12.75
CA ALA B 191 -4.22 -37.57 -12.27
C ALA B 191 -4.37 -37.17 -10.79
N ALA B 192 -5.45 -36.47 -10.50
CA ALA B 192 -5.72 -36.00 -9.14
C ALA B 192 -5.54 -37.13 -8.14
N LYS B 193 -6.18 -38.27 -8.41
CA LYS B 193 -6.20 -39.36 -7.45
C LYS B 193 -4.78 -39.94 -7.22
N GLU B 194 -4.03 -40.15 -8.29
CA GLU B 194 -2.64 -40.63 -8.14
C GLU B 194 -1.82 -39.65 -7.30
N TYR B 195 -1.87 -38.39 -7.70
CA TYR B 195 -1.23 -37.29 -6.99
C TYR B 195 -1.63 -37.26 -5.52
N TYR B 196 -2.93 -37.27 -5.30
CA TYR B 196 -3.49 -37.29 -3.95
C TYR B 196 -2.93 -38.41 -3.08
N GLN B 197 -2.97 -39.65 -3.58
CA GLN B 197 -2.54 -40.77 -2.74
C GLN B 197 -1.03 -40.77 -2.61
N TYR B 198 -0.34 -40.30 -3.64
CA TYR B 198 1.09 -40.18 -3.54
C TYR B 198 1.44 -39.28 -2.35
N LEU B 199 0.69 -38.20 -2.21
CA LEU B 199 1.05 -37.09 -1.35
C LEU B 199 0.44 -37.17 0.06
N TYR B 200 -0.76 -37.73 0.17
CA TYR B 200 -1.41 -37.84 1.48
C TYR B 200 -0.47 -38.31 2.62
N PRO B 201 0.24 -39.43 2.42
CA PRO B 201 1.12 -39.94 3.51
C PRO B 201 2.12 -38.91 4.01
N ILE B 202 2.78 -38.26 3.04
CA ILE B 202 3.78 -37.24 3.34
C ILE B 202 3.20 -36.10 4.17
N VAL B 203 2.01 -35.65 3.78
CA VAL B 203 1.33 -34.61 4.53
C VAL B 203 1.17 -35.10 5.96
N VAL B 204 0.53 -36.25 6.13
CA VAL B 204 0.28 -36.80 7.47
C VAL B 204 1.59 -36.84 8.27
N GLN B 205 2.64 -37.30 7.61
CA GLN B 205 3.94 -37.42 8.25
C GLN B 205 4.46 -36.09 8.78
N LYS B 206 4.33 -35.06 7.94
CA LYS B 206 4.85 -33.74 8.28
C LYS B 206 4.04 -32.96 9.31
N ARG B 207 2.77 -33.29 9.49
CA ARG B 207 1.99 -32.72 10.59
C ARG B 207 2.60 -33.13 11.92
N LEU B 208 3.18 -34.33 11.95
CA LEU B 208 3.78 -34.84 13.17
C LEU B 208 5.25 -34.49 13.26
N ASN B 209 5.96 -34.64 12.16
CA ASN B 209 7.36 -34.26 12.08
C ASN B 209 7.54 -33.13 11.09
N PRO B 210 7.32 -31.90 11.57
CA PRO B 210 7.52 -30.71 10.77
C PRO B 210 8.91 -30.62 10.15
N ALA B 211 8.98 -29.79 9.14
CA ALA B 211 10.22 -29.45 8.48
C ALA B 211 10.16 -27.96 8.19
N ASP B 212 11.16 -27.47 7.46
CA ASP B 212 11.11 -26.14 6.90
C ASP B 212 10.59 -26.22 5.46
N ASP B 213 9.27 -26.19 5.30
CA ASP B 213 8.66 -26.32 3.99
C ASP B 213 7.18 -25.93 3.99
N ILE B 214 6.60 -25.85 2.81
CA ILE B 214 5.28 -25.27 2.64
C ILE B 214 4.21 -26.17 3.22
N ILE B 215 4.27 -27.46 2.89
CA ILE B 215 3.38 -28.45 3.51
C ILE B 215 3.38 -28.22 5.01
N SER B 216 4.56 -28.25 5.63
CA SER B 216 4.68 -28.06 7.08
C SER B 216 4.09 -26.74 7.50
N ASP B 217 4.48 -25.67 6.82
CA ASP B 217 3.94 -24.34 7.13
C ASP B 217 2.39 -24.35 7.12
N LEU B 218 1.81 -24.96 6.08
CA LEU B 218 0.36 -24.97 5.85
C LEU B 218 -0.39 -25.73 6.93
N LEU B 219 0.28 -26.68 7.55
CA LEU B 219 -0.37 -27.49 8.58
C LEU B 219 -0.75 -26.74 9.86
N LYS B 220 -0.04 -25.64 10.16
CA LYS B 220 -0.33 -24.75 11.32
C LYS B 220 -1.33 -23.61 11.09
N SER B 221 -1.46 -23.16 9.84
CA SER B 221 -2.63 -22.38 9.40
C SER B 221 -2.90 -21.05 10.14
N GLU B 222 -4.07 -20.93 10.77
CA GLU B 222 -4.57 -19.68 11.40
C GLU B 222 -4.29 -19.53 12.90
N VAL B 223 -4.19 -20.64 13.59
CA VAL B 223 -4.01 -20.63 15.04
C VAL B 223 -2.96 -21.67 15.41
N ASP B 224 -2.11 -21.30 16.38
CA ASP B 224 -0.91 -22.05 16.82
C ASP B 224 -1.05 -23.57 16.71
N GLY B 225 -2.19 -24.09 17.15
CA GLY B 225 -2.50 -25.52 17.07
C GLY B 225 -2.53 -26.03 15.63
N GLU B 226 -3.70 -25.97 14.99
CA GLU B 226 -3.89 -26.38 13.58
C GLU B 226 -5.10 -25.60 13.01
N MET B 227 -5.43 -25.87 11.74
CA MET B 227 -6.75 -25.47 11.14
C MET B 227 -7.04 -26.09 9.74
N PHE B 228 -6.01 -26.31 8.91
CA PHE B 228 -6.18 -27.04 7.63
C PHE B 228 -6.25 -28.50 7.93
N THR B 229 -7.22 -29.17 7.30
CA THR B 229 -7.20 -30.63 7.28
C THR B 229 -6.14 -31.13 6.30
N ASP B 230 -5.70 -32.36 6.54
CA ASP B 230 -4.65 -33.01 5.72
C ASP B 230 -5.08 -33.02 4.26
N ASP B 231 -6.33 -33.35 4.10
CA ASP B 231 -6.98 -33.40 2.81
C ASP B 231 -6.86 -32.04 2.12
N GLU B 232 -7.23 -31.00 2.84
CA GLU B 232 -7.10 -29.63 2.33
C GLU B 232 -5.66 -29.26 2.00
N VAL B 233 -4.71 -29.66 2.84
CA VAL B 233 -3.31 -29.41 2.51
C VAL B 233 -2.87 -30.15 1.25
N VAL B 234 -3.28 -31.40 1.14
CA VAL B 234 -2.91 -32.18 -0.01
C VAL B 234 -3.34 -31.39 -1.21
N ARG B 235 -4.63 -31.09 -1.28
CA ARG B 235 -5.22 -30.43 -2.45
C ARG B 235 -4.57 -29.08 -2.71
N THR B 236 -4.31 -28.34 -1.62
CA THR B 236 -3.62 -27.07 -1.70
C THR B 236 -2.25 -27.31 -2.29
N THR B 237 -1.60 -28.37 -1.85
CA THR B 237 -0.24 -28.66 -2.27
C THR B 237 -0.25 -29.07 -3.73
N MET B 238 -1.28 -29.78 -4.14
CA MET B 238 -1.39 -30.10 -5.54
C MET B 238 -1.28 -28.81 -6.33
N LEU B 239 -2.12 -27.86 -5.98
CA LEU B 239 -2.28 -26.66 -6.81
C LEU B 239 -1.13 -25.67 -6.70
N ILE B 240 -0.60 -25.47 -5.50
CA ILE B 240 0.51 -24.54 -5.25
C ILE B 240 1.73 -24.95 -5.99
N LEU B 241 2.07 -26.22 -5.84
CA LEU B 241 3.20 -26.82 -6.52
C LEU B 241 2.95 -26.74 -8.00
N GLY B 242 1.73 -27.08 -8.39
CA GLY B 242 1.28 -26.92 -9.76
C GLY B 242 1.51 -25.52 -10.27
N ALA B 243 1.29 -24.53 -9.42
CA ALA B 243 1.34 -23.12 -9.83
C ALA B 243 2.75 -22.59 -9.95
N GLY B 244 3.67 -23.16 -9.18
CA GLY B 244 5.05 -22.85 -9.44
C GLY B 244 5.60 -23.43 -10.72
N VAL B 245 4.74 -23.83 -11.68
CA VAL B 245 5.30 -24.65 -12.74
C VAL B 245 5.01 -24.26 -14.16
N GLU B 246 3.79 -24.47 -14.64
CA GLU B 246 3.55 -24.25 -16.07
C GLU B 246 3.89 -22.80 -16.53
N THR B 247 3.71 -21.83 -15.62
CA THR B 247 3.97 -20.42 -15.95
C THR B 247 5.47 -20.13 -15.99
N THR B 248 6.20 -20.59 -14.97
CA THR B 248 7.64 -20.37 -14.91
C THR B 248 8.31 -21.07 -16.06
N SER B 249 7.93 -22.31 -16.27
CA SER B 249 8.46 -23.06 -17.41
C SER B 249 8.21 -22.36 -18.75
N HIS B 250 7.05 -21.72 -18.89
CA HIS B 250 6.69 -21.05 -20.13
C HIS B 250 7.65 -19.82 -20.28
N LEU B 251 7.82 -19.07 -19.20
CA LEU B 251 8.72 -17.92 -19.21
C LEU B 251 10.09 -18.34 -19.69
N LEU B 252 10.55 -19.48 -19.18
CA LEU B 252 11.91 -19.92 -19.44
C LEU B 252 12.05 -20.30 -20.90
N ALA B 253 11.20 -21.20 -21.35
CA ALA B 253 11.24 -21.59 -22.73
C ALA B 253 11.18 -20.36 -23.63
N ASN B 254 10.36 -19.38 -23.22
CA ASN B 254 10.15 -18.24 -24.08
C ASN B 254 11.33 -17.29 -24.10
N SER B 255 12.00 -17.16 -22.96
CA SER B 255 13.18 -16.36 -22.86
C SER B 255 14.17 -16.83 -23.88
N PHE B 256 14.36 -18.14 -23.93
CA PHE B 256 15.34 -18.73 -24.85
C PHE B 256 14.93 -18.56 -26.29
N TYR B 257 13.64 -18.74 -26.54
CA TYR B 257 13.12 -18.54 -27.89
C TYR B 257 13.47 -17.15 -28.36
N SER B 258 13.29 -16.21 -27.46
CA SER B 258 13.53 -14.82 -27.75
C SER B 258 15.01 -14.57 -28.08
N LEU B 259 15.89 -15.16 -27.27
CA LEU B 259 17.34 -14.97 -27.45
C LEU B 259 17.86 -15.58 -28.75
N LEU B 260 17.20 -16.64 -29.21
CA LEU B 260 17.44 -17.18 -30.54
C LEU B 260 16.92 -16.25 -31.64
N TYR B 261 15.63 -15.95 -31.58
CA TYR B 261 14.88 -15.44 -32.77
C TYR B 261 14.56 -13.95 -32.80
N ASP B 262 14.30 -13.36 -31.64
CA ASP B 262 13.78 -12.00 -31.61
C ASP B 262 14.88 -11.01 -31.90
N ASP B 263 15.89 -10.99 -31.04
CA ASP B 263 17.09 -10.18 -31.27
C ASP B 263 18.31 -10.95 -30.83
N LYS B 264 19.06 -11.36 -31.86
CA LYS B 264 20.24 -12.21 -31.74
C LYS B 264 21.40 -11.62 -30.92
N GLU B 265 21.52 -10.30 -30.94
CA GLU B 265 22.60 -9.61 -30.23
C GLU B 265 22.47 -9.59 -28.71
N VAL B 266 21.24 -9.74 -28.22
CA VAL B 266 20.98 -9.69 -26.77
C VAL B 266 21.77 -10.75 -26.02
N TYR B 267 21.77 -11.97 -26.53
CA TYR B 267 22.51 -13.06 -25.90
C TYR B 267 23.93 -12.59 -25.60
N GLN B 268 24.60 -12.17 -26.65
CA GLN B 268 25.99 -11.70 -26.63
C GLN B 268 26.14 -10.60 -25.59
N GLU B 269 25.17 -9.69 -25.59
CA GLU B 269 25.13 -8.60 -24.62
C GLU B 269 25.02 -9.14 -23.18
N LEU B 270 24.19 -10.15 -22.99
CA LEU B 270 23.93 -10.68 -21.62
C LEU B 270 25.13 -11.43 -21.06
N HIS B 271 25.71 -12.26 -21.94
CA HIS B 271 26.95 -12.98 -21.65
C HIS B 271 28.09 -12.08 -21.14
N GLU B 272 28.29 -10.97 -21.81
CA GLU B 272 29.36 -10.04 -21.43
C GLU B 272 29.04 -9.26 -20.16
N ASN B 273 27.76 -9.01 -19.90
CA ASN B 273 27.34 -8.32 -18.66
C ASN B 273 26.16 -8.98 -17.96
N LEU B 274 26.45 -9.89 -17.06
CA LEU B 274 25.43 -10.66 -16.38
C LEU B 274 24.56 -9.83 -15.44
N ASP B 275 25.02 -8.63 -15.07
CA ASP B 275 24.19 -7.69 -14.28
C ASP B 275 22.87 -7.32 -14.95
N LEU B 276 22.78 -7.57 -16.25
CA LEU B 276 21.60 -7.20 -17.06
C LEU B 276 20.50 -8.26 -17.10
N VAL B 277 20.77 -9.45 -16.56
CA VAL B 277 19.82 -10.57 -16.67
C VAL B 277 18.48 -10.28 -16.00
N PRO B 278 18.47 -9.72 -14.77
CA PRO B 278 17.16 -9.38 -14.20
C PRO B 278 16.30 -8.53 -15.16
N GLN B 279 16.87 -7.43 -15.62
CA GLN B 279 16.15 -6.51 -16.49
C GLN B 279 15.74 -7.20 -17.81
N ALA B 280 16.54 -8.11 -18.32
CA ALA B 280 16.10 -8.92 -19.46
C ALA B 280 14.89 -9.82 -19.14
N VAL B 281 14.85 -10.32 -17.93
CA VAL B 281 13.73 -11.16 -17.49
C VAL B 281 12.45 -10.35 -17.49
N GLU B 282 12.50 -9.12 -17.00
CA GLU B 282 11.31 -8.31 -17.03
C GLU B 282 10.85 -8.09 -18.48
N GLU B 283 11.80 -7.99 -19.40
CA GLU B 283 11.46 -7.74 -20.79
C GLU B 283 10.86 -8.98 -21.45
N MET B 284 11.27 -10.14 -20.99
CA MET B 284 10.64 -11.37 -21.48
C MET B 284 9.26 -11.47 -20.90
N LEU B 285 9.12 -11.02 -19.67
CA LEU B 285 7.80 -10.95 -19.02
C LEU B 285 6.85 -9.98 -19.73
N ARG B 286 7.38 -8.85 -20.20
CA ARG B 286 6.60 -7.88 -20.93
C ARG B 286 6.19 -8.33 -22.34
N PHE B 287 7.17 -8.81 -23.09
CA PHE B 287 7.09 -8.89 -24.52
C PHE B 287 6.91 -10.32 -25.03
N ARG B 288 7.22 -11.28 -24.17
CA ARG B 288 7.32 -12.69 -24.55
C ARG B 288 6.59 -13.69 -23.66
N PHE B 289 5.63 -13.21 -22.90
CA PHE B 289 4.76 -14.09 -22.13
C PHE B 289 3.37 -13.99 -22.70
N ASN B 290 3.29 -14.38 -23.95
CA ASN B 290 2.03 -14.37 -24.67
C ASN B 290 1.39 -15.76 -24.47
N LEU B 291 0.07 -15.86 -24.40
CA LEU B 291 -0.89 -14.75 -24.44
C LEU B 291 -1.76 -14.87 -23.19
N ILE B 292 -1.61 -13.90 -22.30
CA ILE B 292 -2.20 -13.99 -20.98
C ILE B 292 -3.37 -13.01 -20.79
N LYS B 293 -4.42 -13.48 -20.16
CA LYS B 293 -5.62 -12.67 -19.91
C LYS B 293 -6.21 -13.05 -18.57
N LEU B 294 -7.09 -12.19 -18.07
CA LEU B 294 -7.83 -12.52 -16.88
C LEU B 294 -9.24 -12.10 -17.05
N ASP B 295 -10.11 -12.69 -16.28
CA ASP B 295 -11.51 -12.31 -16.33
C ASP B 295 -11.96 -11.72 -15.01
N ARG B 296 -12.95 -10.85 -15.13
CA ARG B 296 -13.61 -10.28 -13.98
C ARG B 296 -15.08 -10.25 -14.33
N THR B 297 -15.87 -9.96 -13.30
CA THR B 297 -17.28 -9.74 -13.43
C THR B 297 -17.59 -8.42 -12.81
N VAL B 298 -18.42 -7.65 -13.50
CA VAL B 298 -18.83 -6.35 -13.02
C VAL B 298 -19.80 -6.57 -11.86
N LYS B 299 -19.53 -5.89 -10.76
CA LYS B 299 -20.27 -6.12 -9.51
C LYS B 299 -21.21 -4.96 -9.17
N GLU B 300 -20.83 -3.74 -9.58
CA GLU B 300 -21.70 -2.57 -9.50
C GLU B 300 -21.46 -1.68 -10.76
N ASP B 301 -22.55 -1.16 -11.32
CA ASP B 301 -22.57 -0.38 -12.59
C ASP B 301 -21.52 0.72 -12.62
N ASN B 302 -20.93 0.97 -13.79
CA ASN B 302 -19.94 2.04 -13.96
C ASN B 302 -19.54 2.33 -15.39
N ASP B 303 -18.78 3.40 -15.54
CA ASP B 303 -18.33 3.93 -16.81
C ASP B 303 -16.83 4.13 -16.85
N LEU B 304 -16.10 3.51 -15.95
CA LEU B 304 -14.69 3.87 -15.78
C LEU B 304 -13.81 3.45 -16.94
N LEU B 305 -14.36 2.68 -17.88
CA LEU B 305 -13.67 2.37 -19.14
C LEU B 305 -14.26 3.20 -20.26
N GLY B 306 -14.72 4.40 -19.93
CA GLY B 306 -15.45 5.23 -20.89
C GLY B 306 -16.68 4.58 -21.52
N VAL B 307 -17.18 3.50 -20.93
CA VAL B 307 -18.44 2.92 -21.37
C VAL B 307 -19.20 2.36 -20.17
N GLU B 308 -20.52 2.40 -20.21
CA GLU B 308 -21.33 1.97 -19.08
C GLU B 308 -21.42 0.48 -19.12
N LEU B 309 -20.87 -0.14 -18.09
CA LEU B 309 -21.06 -1.57 -17.86
C LEU B 309 -22.00 -1.75 -16.69
N LYS B 310 -22.73 -2.86 -16.72
CA LYS B 310 -23.73 -3.19 -15.71
C LYS B 310 -23.40 -4.47 -14.98
N GLU B 311 -23.90 -4.59 -13.74
CA GLU B 311 -23.74 -5.80 -12.90
C GLU B 311 -23.89 -7.04 -13.74
N GLY B 312 -22.95 -7.96 -13.61
CA GLY B 312 -23.06 -9.22 -14.30
C GLY B 312 -22.38 -9.26 -15.64
N ASP B 313 -22.10 -8.10 -16.20
CA ASP B 313 -21.25 -8.02 -17.40
C ASP B 313 -19.88 -8.67 -17.14
N SER B 314 -19.41 -9.42 -18.12
CA SER B 314 -18.09 -10.05 -18.03
C SER B 314 -17.03 -9.20 -18.71
N VAL B 315 -15.90 -9.09 -18.06
CA VAL B 315 -14.77 -8.31 -18.60
C VAL B 315 -13.58 -9.24 -18.77
N VAL B 316 -12.80 -8.98 -19.79
CA VAL B 316 -11.57 -9.70 -19.99
C VAL B 316 -10.50 -8.71 -20.32
N VAL B 317 -9.38 -8.85 -19.63
CA VAL B 317 -8.32 -7.89 -19.73
C VAL B 317 -7.17 -8.65 -20.34
N TRP B 318 -6.55 -8.06 -21.33
CA TRP B 318 -5.47 -8.71 -22.06
C TRP B 318 -4.14 -8.13 -21.69
N MET B 319 -3.52 -8.70 -20.65
CA MET B 319 -2.31 -8.11 -20.09
C MET B 319 -1.14 -8.13 -21.06
N SER B 320 -1.10 -9.12 -21.92
CA SER B 320 -0.08 -9.13 -22.98
C SER B 320 -0.20 -7.86 -23.84
N ALA B 321 -1.45 -7.48 -24.12
CA ALA B 321 -1.66 -6.34 -24.98
C ALA B 321 -1.26 -5.07 -24.24
N ALA B 322 -1.75 -4.93 -23.01
CA ALA B 322 -1.46 -3.77 -22.21
C ALA B 322 0.04 -3.58 -22.16
N ASN B 323 0.78 -4.66 -21.95
CA ASN B 323 2.26 -4.64 -21.98
C ASN B 323 2.89 -4.10 -23.28
N MET B 324 2.05 -3.79 -24.26
CA MET B 324 2.51 -3.34 -25.58
C MET B 324 1.90 -1.99 -25.95
N ASP B 325 1.37 -1.33 -24.94
CA ASP B 325 0.69 -0.07 -25.08
C ASP B 325 1.73 1.03 -25.08
N GLU B 326 1.74 1.79 -26.18
CA GLU B 326 2.73 2.87 -26.38
C GLU B 326 2.58 4.01 -25.39
N GLU B 327 1.41 4.16 -24.79
CA GLU B 327 1.20 5.18 -23.78
C GLU B 327 2.05 4.92 -22.57
N MET B 328 2.43 3.66 -22.35
CA MET B 328 3.20 3.28 -21.17
C MET B 328 4.63 2.90 -21.50
N PHE B 329 4.86 2.24 -22.64
CA PHE B 329 6.18 1.71 -22.96
C PHE B 329 6.66 2.18 -24.33
N GLU B 330 7.83 2.80 -24.36
CA GLU B 330 8.39 3.32 -25.61
C GLU B 330 8.67 2.20 -26.59
N ASP B 331 8.43 2.46 -27.87
CA ASP B 331 8.69 1.46 -28.93
C ASP B 331 8.27 0.05 -28.50
N PRO B 332 7.01 -0.10 -28.11
CA PRO B 332 6.56 -1.29 -27.40
C PRO B 332 6.65 -2.59 -28.18
N PHE B 333 6.69 -2.50 -29.49
CA PHE B 333 6.81 -3.71 -30.30
C PHE B 333 8.22 -4.16 -30.54
N THR B 334 9.17 -3.60 -29.82
CA THR B 334 10.50 -4.14 -29.93
C THR B 334 11.00 -4.55 -28.57
N LEU B 335 11.83 -5.58 -28.61
CA LEU B 335 12.49 -6.08 -27.45
C LEU B 335 13.62 -5.10 -27.08
N ASN B 336 13.56 -4.58 -25.86
CA ASN B 336 14.52 -3.63 -25.38
C ASN B 336 14.62 -3.82 -23.89
N ILE B 337 15.68 -4.51 -23.49
CA ILE B 337 15.93 -4.79 -22.09
C ILE B 337 16.40 -3.59 -21.30
N HIS B 338 16.63 -2.47 -21.96
CA HIS B 338 17.01 -1.20 -21.32
C HIS B 338 15.91 -0.19 -21.25
N ARG B 339 14.77 -0.53 -21.80
CA ARG B 339 13.62 0.33 -21.61
C ARG B 339 13.47 0.46 -20.11
N PRO B 340 13.62 1.66 -19.58
CA PRO B 340 13.69 1.73 -18.12
C PRO B 340 12.49 1.27 -17.33
N ASN B 341 11.31 1.19 -17.92
CA ASN B 341 10.13 0.86 -17.11
C ASN B 341 9.51 -0.53 -17.39
N ASN B 342 10.29 -1.43 -17.96
CA ASN B 342 9.81 -2.76 -18.21
C ASN B 342 9.20 -3.48 -16.98
N LYS B 343 9.67 -3.15 -15.79
CA LYS B 343 9.18 -3.77 -14.55
C LYS B 343 7.72 -3.44 -14.27
N LYS B 344 7.20 -2.43 -14.94
CA LYS B 344 5.81 -2.04 -14.80
C LYS B 344 4.84 -2.85 -15.65
N HIS B 345 5.32 -3.91 -16.29
CA HIS B 345 4.41 -4.81 -17.00
C HIS B 345 3.34 -5.42 -16.09
N LEU B 346 2.30 -5.99 -16.66
CA LEU B 346 1.19 -6.58 -15.89
C LEU B 346 1.00 -8.08 -16.05
N THR B 347 2.01 -8.78 -16.51
CA THR B 347 2.02 -10.21 -16.62
C THR B 347 1.75 -10.95 -15.33
N PHE B 348 2.05 -10.34 -14.18
CA PHE B 348 1.77 -10.99 -12.89
C PHE B 348 0.51 -10.42 -12.34
N GLY B 349 -0.22 -9.70 -13.16
CA GLY B 349 -1.42 -8.98 -12.69
C GLY B 349 -1.13 -7.67 -12.00
N ASN B 350 -2.07 -7.23 -11.17
CA ASN B 350 -2.04 -5.91 -10.54
C ASN B 350 -3.05 -5.87 -9.43
N GLY B 351 -2.78 -5.04 -8.44
CA GLY B 351 -3.68 -4.91 -7.30
C GLY B 351 -3.65 -6.14 -6.42
N PRO B 352 -4.80 -6.49 -5.82
CA PRO B 352 -4.78 -7.37 -4.67
C PRO B 352 -4.27 -8.72 -5.03
N HIS B 353 -4.64 -9.17 -6.22
CA HIS B 353 -4.35 -10.55 -6.65
C HIS B 353 -2.97 -10.72 -7.34
N PHE B 354 -2.19 -9.65 -7.36
CA PHE B 354 -0.83 -9.68 -7.92
C PHE B 354 -0.11 -10.94 -7.52
N CYS B 355 0.48 -11.61 -8.50
CA CYS B 355 1.09 -12.93 -8.31
C CYS B 355 1.96 -13.05 -7.06
N LEU B 356 1.59 -13.99 -6.20
CA LEU B 356 2.32 -14.26 -4.98
C LEU B 356 3.68 -14.93 -5.23
N GLY B 357 3.84 -15.63 -6.34
CA GLY B 357 5.09 -16.31 -6.69
C GLY B 357 6.04 -15.56 -7.62
N ALA B 358 5.76 -14.29 -7.87
CA ALA B 358 6.56 -13.53 -8.83
C ALA B 358 8.03 -13.50 -8.41
N PRO B 359 8.31 -13.33 -7.10
CA PRO B 359 9.72 -13.25 -6.73
C PRO B 359 10.41 -14.56 -7.03
N LEU B 360 9.66 -15.65 -6.89
CA LEU B 360 10.21 -16.95 -7.14
C LEU B 360 10.45 -17.16 -8.57
N ALA B 361 9.47 -16.81 -9.38
CA ALA B 361 9.61 -16.95 -10.84
C ALA B 361 10.76 -16.06 -11.37
N ARG B 362 10.81 -14.84 -10.88
CA ARG B 362 11.91 -13.94 -11.24
C ARG B 362 13.26 -14.55 -10.88
N LEU B 363 13.37 -14.96 -9.63
CA LEU B 363 14.58 -15.62 -9.14
C LEU B 363 14.97 -16.84 -9.97
N GLU B 364 14.04 -17.77 -10.14
CA GLU B 364 14.37 -18.95 -10.92
C GLU B 364 14.94 -18.58 -12.29
N ALA B 365 14.32 -17.60 -12.95
CA ALA B 365 14.75 -17.21 -14.29
C ALA B 365 16.13 -16.51 -14.28
N LYS B 366 16.33 -15.56 -13.37
CA LYS B 366 17.63 -14.92 -13.19
C LYS B 366 18.71 -15.98 -13.10
N ILE B 367 18.51 -16.91 -12.19
CA ILE B 367 19.51 -17.95 -11.94
C ILE B 367 19.67 -18.84 -13.18
N ALA B 368 18.57 -19.41 -13.65
CA ALA B 368 18.60 -20.27 -14.82
C ALA B 368 19.33 -19.62 -16.00
N LEU B 369 19.09 -18.34 -16.20
CA LEU B 369 19.68 -17.67 -17.35
C LEU B 369 21.16 -17.39 -17.11
N THR B 370 21.48 -16.85 -15.94
CA THR B 370 22.86 -16.58 -15.60
C THR B 370 23.74 -17.85 -15.77
N ALA B 371 23.39 -18.91 -15.08
CA ALA B 371 24.14 -20.17 -15.13
C ALA B 371 24.43 -20.63 -16.57
N PHE B 372 23.45 -20.49 -17.44
CA PHE B 372 23.62 -20.89 -18.86
C PHE B 372 24.50 -19.93 -19.63
N LEU B 373 24.36 -18.65 -19.34
CA LEU B 373 25.22 -17.63 -19.94
C LEU B 373 26.65 -17.85 -19.49
N LYS B 374 26.81 -18.16 -18.21
CA LYS B 374 28.14 -18.38 -17.63
C LYS B 374 28.86 -19.52 -18.34
N LYS B 375 28.13 -20.48 -18.86
CA LYS B 375 28.74 -21.61 -19.52
C LYS B 375 28.93 -21.40 -21.01
N PHE B 376 27.83 -21.15 -21.72
CA PHE B 376 27.87 -21.00 -23.20
C PHE B 376 27.91 -19.52 -23.59
N LYS B 377 28.43 -19.22 -24.77
CA LYS B 377 28.49 -17.80 -25.19
C LYS B 377 28.08 -17.53 -26.63
N HIS B 378 27.70 -18.57 -27.34
CA HIS B 378 26.99 -18.41 -28.57
C HIS B 378 25.89 -19.47 -28.57
N ILE B 379 24.74 -19.15 -29.15
CA ILE B 379 23.71 -20.17 -29.41
C ILE B 379 23.33 -20.05 -30.87
N GLU B 380 22.57 -21.02 -31.38
CA GLU B 380 22.21 -21.01 -32.79
C GLU B 380 20.90 -21.74 -33.02
N ALA B 381 20.08 -21.22 -33.92
CA ALA B 381 18.83 -21.88 -34.27
C ALA B 381 19.10 -23.12 -35.11
N VAL B 382 18.05 -23.88 -35.39
CA VAL B 382 18.09 -25.12 -36.14
C VAL B 382 16.97 -25.08 -37.20
N PRO B 383 17.32 -25.13 -38.49
CA PRO B 383 16.30 -24.88 -39.52
C PRO B 383 15.22 -25.95 -39.69
N SER B 384 15.49 -27.18 -39.27
CA SER B 384 14.47 -28.25 -39.30
C SER B 384 13.28 -27.91 -38.40
N PHE B 385 13.60 -27.40 -37.21
CA PHE B 385 12.63 -27.06 -36.16
C PHE B 385 11.58 -26.06 -36.62
N GLN B 386 10.33 -26.50 -36.66
CA GLN B 386 9.21 -25.63 -36.99
C GLN B 386 8.31 -25.40 -35.78
N LEU B 387 8.10 -24.12 -35.50
CA LEU B 387 7.38 -23.65 -34.31
C LEU B 387 6.00 -24.29 -34.19
N GLU B 388 5.22 -24.16 -35.26
CA GLU B 388 3.85 -24.69 -35.29
C GLU B 388 3.79 -26.10 -34.70
N GLU B 389 4.75 -26.91 -35.11
CA GLU B 389 4.80 -28.31 -34.73
C GLU B 389 5.16 -28.51 -33.26
N ASN B 390 5.70 -27.47 -32.63
CA ASN B 390 6.08 -27.56 -31.22
C ASN B 390 5.38 -26.59 -30.27
N LEU B 391 4.10 -26.35 -30.54
CA LEU B 391 3.25 -25.58 -29.63
C LEU B 391 2.01 -26.40 -29.26
N THR B 392 1.63 -26.31 -28.00
CA THR B 392 0.35 -26.87 -27.52
C THR B 392 -0.37 -25.88 -26.61
N ASP B 393 -1.66 -26.15 -26.41
CA ASP B 393 -2.51 -25.27 -25.64
C ASP B 393 -2.12 -25.30 -24.19
N SER B 394 -2.00 -24.10 -23.62
CA SER B 394 -1.86 -23.95 -22.17
C SER B 394 -2.86 -22.90 -21.73
N ALA B 395 -2.99 -22.76 -20.41
CA ALA B 395 -3.85 -21.74 -19.81
C ALA B 395 -3.43 -20.32 -20.26
N THR B 396 -2.14 -20.18 -20.60
CA THR B 396 -1.56 -18.91 -21.11
C THR B 396 -1.23 -18.99 -22.62
N GLY B 397 -2.19 -19.50 -23.39
CA GLY B 397 -2.10 -19.66 -24.84
C GLY B 397 -1.29 -20.84 -25.36
N GLN B 398 -0.28 -20.53 -26.17
CA GLN B 398 0.54 -21.56 -26.77
C GLN B 398 1.81 -21.62 -25.97
N THR B 399 2.15 -22.84 -25.56
CA THR B 399 3.40 -23.12 -24.87
C THR B 399 4.25 -24.13 -25.66
N LEU B 400 5.55 -23.93 -25.60
CA LEU B 400 6.52 -24.74 -26.34
C LEU B 400 6.58 -26.14 -25.78
N THR B 401 6.57 -27.11 -26.69
CA THR B 401 6.71 -28.55 -26.35
C THR B 401 8.19 -28.92 -26.36
N SER B 402 8.92 -28.38 -27.33
CA SER B 402 10.38 -28.46 -27.36
C SER B 402 10.98 -27.23 -28.02
N LEU B 403 12.19 -26.87 -27.59
CA LEU B 403 12.97 -25.80 -28.23
C LEU B 403 14.44 -26.24 -28.42
N PRO B 404 14.79 -26.70 -29.64
CA PRO B 404 16.10 -27.18 -29.94
C PRO B 404 17.04 -26.06 -30.35
N LEU B 405 18.23 -26.06 -29.78
CA LEU B 405 19.28 -25.12 -30.19
C LEU B 405 20.67 -25.78 -30.23
N LYS B 406 21.67 -25.02 -30.66
CA LYS B 406 23.08 -25.44 -30.64
C LYS B 406 23.93 -24.37 -29.92
N ALA B 407 24.64 -24.78 -28.88
CA ALA B 407 25.42 -23.86 -28.02
C ALA B 407 26.91 -24.17 -28.00
N SER B 408 27.71 -23.11 -27.89
CA SER B 408 29.17 -23.19 -28.02
C SER B 408 29.99 -22.55 -26.85
N ARG B 409 31.25 -22.97 -26.73
CA ARG B 409 32.32 -22.21 -26.02
C ARG B 409 32.06 -21.83 -24.55
N MET B 410 32.93 -20.98 -23.98
CA MET B 410 32.85 -20.55 -22.57
C MET B 410 33.49 -19.19 -22.34
#